data_7P1P
#
_entry.id   7P1P
#
_cell.length_a   211.863
_cell.length_b   211.863
_cell.length_c   116.269
_cell.angle_alpha   90.000
_cell.angle_beta   90.000
_cell.angle_gamma   120.000
#
_symmetry.space_group_name_H-M   'P 61'
#
loop_
_entity.id
_entity.type
_entity.pdbx_description
1 polymer Acetylcholinesterase
2 polymer Acetylcholinesterase
3 branched beta-D-mannopyranose-(1-4)-2-acetamido-2-deoxy-beta-D-glucopyranose-(1-4)-[alpha-L-fucopyranose-(1-6)]2-acetamido-2-deoxy-beta-D-glucopyranose
4 branched 2-acetamido-2-deoxy-beta-D-glucopyranose-(1-4)-[alpha-L-fucopyranose-(1-6)]2-acetamido-2-deoxy-beta-D-glucopyranose
5 branched 'N-acetyl-alpha-neuraminic acid-(2-3)-beta-D-galactopyranose-(1-4)-2-acetamido-2-deoxy-beta-D-glucopyranose'
6 non-polymer (2R,3R,4S,5S,6R)-2-[4-[1-[3-[6-[(Z)-hydroxyiminomethyl]-5-oxidanyl-pyridin-2-yl]propyl]-1,2,3-triazol-4-yl]butoxy]-6-(hydroxymethyl)oxane-3,4,5-triol
7 non-polymer 'SULFATE ION'
8 non-polymer 'CHLORIDE ION'
9 non-polymer 'MAGNESIUM ION'
10 water water
#
loop_
_entity_poly.entity_id
_entity_poly.type
_entity_poly.pdbx_seq_one_letter_code
_entity_poly.pdbx_strand_id
1 'polypeptide(L)'
;GREDAELLVTVRGGRLRGIRLKTPGGPVSAFLGIPFAEPPMGPRRFLPPEPKQPWSGVVDATTFQSVCYQYVDTLYPGFE
GTEMWNPNRELSEDCLYLNVWTPYPRPTSPTPVLVWIYGGGFYSGASSLDVYDGRFLVQAERTVLVSMNYRVGAFGFLAL
PGSREAPGNVGLLDQRLALQWVQENVAAFGGDPTSVTLFGESAGAASVGMHLLSPPSRGLFHRAVLQSGAPNGPWATVGM
GEARRRATQLAHLVGCP
;
aa,bb
2 'polypeptide(L)'
;TGGNDTELVACLRTRPAQVLVNHEWHVLPQESVFRFSFVPVVDGDFLSDTPEALINAGDFHGLQVLVGVVKDEGSYFLVY
GAPGFSKDNESLISRAEFLAGVRVGVPQVSDLAAEAVVLHYTDWLHPEDPARLREALSDVVGDHNVVCPVAQLAGRLAAQ
GARVYAYVFEHRASTLSWPLWMGVPHGYEIEFIFGIPLDPSRNYTAEEKIFAQRLMRYWANFARTGDPNEPRDPKAPQWP
PYTAGAQQYVSLDLRPLEVRRGLRAQACAFWNRFLPKLLSAT
;
A,B
#
loop_
_chem_comp.id
_chem_comp.type
_chem_comp.name
_chem_comp.formula
4IX non-polymer (2R,3R,4S,5S,6R)-2-[4-[1-[3-[6-[(Z)-hydroxyiminomethyl]-5-oxidanyl-pyridin-2-yl]propyl]-1,2,3-triazol-4-yl]butoxy]-6-(hydroxymethyl)oxane-3,4,5-triol 'C21 H31 N5 O8'
BMA D-saccharide, beta linking beta-D-mannopyranose 'C6 H12 O6'
CL non-polymer 'CHLORIDE ION' 'Cl -1'
FUC L-saccharide, alpha linking alpha-L-fucopyranose 'C6 H12 O5'
GAL D-saccharide, beta linking beta-D-galactopyranose 'C6 H12 O6'
MG non-polymer 'MAGNESIUM ION' 'Mg 2'
NAG D-saccharide, beta linking 2-acetamido-2-deoxy-beta-D-glucopyranose 'C8 H15 N O6'
SIA D-saccharide, alpha linking 'N-acetyl-alpha-neuraminic acid' 'C11 H19 N O9'
SO4 non-polymer 'SULFATE ION' 'O4 S -2'
#
# COMPACT_ATOMS: atom_id res chain seq x y z
N ASP A 4 -2.14 1.23 -62.61
CA ASP A 4 -2.92 0.34 -63.48
C ASP A 4 -2.22 -0.99 -63.70
N ALA A 5 -0.94 -0.93 -64.08
CA ALA A 5 -0.08 -2.11 -64.00
C ALA A 5 0.54 -2.27 -62.62
N GLU A 6 0.42 -1.24 -61.76
CA GLU A 6 0.85 -1.33 -60.37
C GLU A 6 -0.11 -2.14 -59.52
N LEU A 7 -1.32 -2.40 -60.01
CA LEU A 7 -2.33 -3.11 -59.25
C LEU A 7 -2.40 -4.60 -59.56
N LEU A 8 -1.52 -5.11 -60.43
CA LEU A 8 -1.46 -6.54 -60.79
C LEU A 8 -0.13 -7.11 -60.29
N VAL A 9 -0.20 -7.98 -59.29
CA VAL A 9 0.97 -8.58 -58.65
C VAL A 9 0.80 -10.09 -58.60
N THR A 10 1.92 -10.80 -58.70
CA THR A 10 1.93 -12.27 -58.66
C THR A 10 2.71 -12.73 -57.44
N VAL A 11 2.02 -13.33 -56.47
CA VAL A 11 2.71 -13.94 -55.33
C VAL A 11 2.95 -15.40 -55.66
N ARG A 12 3.44 -16.16 -54.67
CA ARG A 12 3.93 -17.51 -54.96
C ARG A 12 2.82 -18.42 -55.45
N GLY A 13 1.58 -18.20 -55.02
CA GLY A 13 0.49 -19.07 -55.37
C GLY A 13 -0.53 -18.57 -56.37
N GLY A 14 -0.26 -17.51 -57.11
CA GLY A 14 -1.16 -17.08 -58.17
C GLY A 14 -1.04 -15.59 -58.40
N ARG A 15 -1.90 -15.07 -59.27
CA ARG A 15 -1.95 -13.65 -59.57
C ARG A 15 -3.05 -12.93 -58.77
N LEU A 16 -2.83 -11.64 -58.49
CA LEU A 16 -3.75 -10.82 -57.72
C LEU A 16 -4.07 -9.53 -58.46
N ARG A 17 -5.22 -8.95 -58.16
CA ARG A 17 -5.60 -7.62 -58.64
C ARG A 17 -6.00 -6.77 -57.44
N GLY A 18 -5.34 -5.62 -57.29
CA GLY A 18 -5.58 -4.73 -56.17
C GLY A 18 -6.43 -3.52 -56.55
N ILE A 19 -6.37 -2.50 -55.69
CA ILE A 19 -7.24 -1.33 -55.79
C ILE A 19 -6.45 -0.10 -55.36
N ARG A 20 -6.68 1.03 -56.05
CA ARG A 20 -6.06 2.31 -55.71
C ARG A 20 -6.85 3.01 -54.62
N LEU A 21 -6.20 3.34 -53.51
CA LEU A 21 -6.83 3.99 -52.36
C LEU A 21 -6.35 5.44 -52.27
N LYS A 22 -7.29 6.39 -52.30
CA LYS A 22 -6.95 7.81 -52.21
C LYS A 22 -6.65 8.18 -50.77
N THR A 23 -5.73 9.11 -50.61
CA THR A 23 -5.37 9.74 -49.34
C THR A 23 -5.19 11.21 -49.64
N PRO A 24 -5.45 12.09 -48.69
CA PRO A 24 -5.08 13.50 -48.90
C PRO A 24 -3.63 13.68 -49.36
N GLY A 25 -2.70 12.85 -48.85
CA GLY A 25 -1.30 12.98 -49.24
C GLY A 25 -1.00 12.47 -50.63
N GLY A 26 -1.85 11.62 -51.18
CA GLY A 26 -1.58 10.90 -52.41
C GLY A 26 -2.18 9.49 -52.38
N PRO A 27 -1.93 8.71 -53.42
CA PRO A 27 -2.55 7.38 -53.51
C PRO A 27 -1.66 6.30 -52.92
N VAL A 28 -2.28 5.13 -52.71
CA VAL A 28 -1.67 3.95 -52.11
C VAL A 28 -2.26 2.72 -52.79
N SER A 29 -1.40 1.74 -53.10
CA SER A 29 -1.85 0.47 -53.66
C SER A 29 -2.25 -0.48 -52.53
N ALA A 30 -3.42 -1.11 -52.64
CA ALA A 30 -3.92 -2.04 -51.62
C ALA A 30 -4.35 -3.37 -52.23
N PHE A 31 -3.99 -4.45 -51.54
CA PHE A 31 -4.31 -5.81 -51.95
C PHE A 31 -5.02 -6.47 -50.77
N LEU A 32 -6.35 -6.53 -50.84
CA LEU A 32 -7.19 -6.90 -49.70
C LEU A 32 -7.80 -8.28 -49.87
N GLY A 33 -7.73 -9.10 -48.83
CA GLY A 33 -8.39 -10.40 -48.86
C GLY A 33 -7.60 -11.50 -49.56
N ILE A 34 -6.29 -11.54 -49.37
CA ILE A 34 -5.43 -12.53 -50.03
C ILE A 34 -5.52 -13.84 -49.26
N PRO A 35 -5.91 -14.95 -49.90
CA PRO A 35 -6.00 -16.21 -49.16
C PRO A 35 -4.63 -16.70 -48.72
N PHE A 36 -4.49 -16.99 -47.43
CA PHE A 36 -3.24 -17.57 -46.95
C PHE A 36 -3.41 -18.93 -46.30
N ALA A 37 -4.63 -19.46 -46.23
CA ALA A 37 -4.89 -20.80 -45.71
C ALA A 37 -6.08 -21.40 -46.43
N GLU A 38 -6.03 -22.72 -46.66
CA GLU A 38 -7.22 -23.43 -47.12
C GLU A 38 -8.31 -23.30 -46.07
N PRO A 39 -9.54 -23.06 -46.48
CA PRO A 39 -10.63 -22.74 -45.53
C PRO A 39 -10.77 -23.79 -44.44
N PRO A 40 -10.63 -23.39 -43.19
CA PRO A 40 -10.55 -24.36 -42.07
C PRO A 40 -11.90 -24.88 -41.65
N MET A 41 -12.57 -25.60 -42.56
CA MET A 41 -13.97 -25.97 -42.39
C MET A 41 -14.14 -27.48 -42.26
N GLY A 42 -15.35 -27.87 -41.89
CA GLY A 42 -15.71 -29.26 -41.86
C GLY A 42 -14.83 -30.00 -40.89
N PRO A 43 -14.08 -30.97 -41.41
CA PRO A 43 -13.15 -31.74 -40.56
C PRO A 43 -11.98 -30.91 -40.05
N ARG A 44 -11.73 -29.75 -40.64
CA ARG A 44 -10.62 -28.88 -40.29
C ARG A 44 -10.96 -27.81 -39.25
N ARG A 45 -12.20 -27.75 -38.75
CA ARG A 45 -12.49 -26.91 -37.60
C ARG A 45 -11.73 -27.43 -36.39
N PHE A 46 -11.12 -26.50 -35.63
CA PHE A 46 -10.29 -26.70 -34.42
C PHE A 46 -8.86 -27.17 -34.75
N LEU A 47 -8.49 -27.32 -36.08
CA LEU A 47 -7.21 -27.88 -36.50
C LEU A 47 -6.28 -26.79 -36.98
N PRO A 48 -4.97 -27.02 -36.89
CA PRO A 48 -4.03 -26.00 -37.34
C PRO A 48 -4.23 -25.73 -38.82
N PRO A 49 -3.88 -24.53 -39.29
CA PRO A 49 -4.23 -24.15 -40.66
C PRO A 49 -3.36 -24.83 -41.70
N GLU A 50 -3.95 -25.07 -42.86
CA GLU A 50 -3.08 -25.55 -43.93
C GLU A 50 -2.82 -24.43 -44.92
N PRO A 51 -1.63 -24.40 -45.53
CA PRO A 51 -1.32 -23.31 -46.46
C PRO A 51 -2.19 -23.35 -47.71
N LYS A 52 -2.65 -22.17 -48.12
CA LYS A 52 -3.45 -22.07 -49.34
C LYS A 52 -2.66 -22.61 -50.53
N GLN A 53 -3.24 -23.58 -51.23
CA GLN A 53 -2.65 -24.16 -52.43
C GLN A 53 -2.79 -23.19 -53.61
N PRO A 54 -1.93 -23.30 -54.61
CA PRO A 54 -1.97 -22.31 -55.71
C PRO A 54 -3.30 -22.33 -56.46
N TRP A 55 -3.62 -21.18 -57.04
CA TRP A 55 -4.87 -20.98 -57.76
C TRP A 55 -4.59 -20.50 -59.18
N SER A 56 -5.49 -20.86 -60.08
CA SER A 56 -5.52 -20.35 -61.43
C SER A 56 -6.29 -19.04 -61.48
N GLY A 57 -5.99 -18.23 -62.51
CA GLY A 57 -6.65 -16.95 -62.68
C GLY A 57 -6.14 -15.91 -61.70
N VAL A 58 -6.87 -14.80 -61.62
CA VAL A 58 -6.50 -13.64 -60.80
C VAL A 58 -7.52 -13.51 -59.66
N VAL A 59 -7.02 -13.56 -58.43
CA VAL A 59 -7.85 -13.35 -57.24
C VAL A 59 -8.29 -11.89 -57.17
N ASP A 60 -9.54 -11.66 -56.80
CA ASP A 60 -10.07 -10.31 -56.69
C ASP A 60 -9.69 -9.76 -55.32
N ALA A 61 -8.54 -9.08 -55.28
CA ALA A 61 -8.06 -8.45 -54.05
C ALA A 61 -8.54 -7.02 -53.92
N THR A 62 -9.78 -6.74 -54.35
CA THR A 62 -10.30 -5.39 -54.37
C THR A 62 -10.97 -4.96 -53.05
N THR A 63 -11.32 -5.89 -52.15
CA THR A 63 -12.09 -5.53 -50.96
C THR A 63 -11.92 -6.59 -49.87
N PHE A 64 -12.09 -6.15 -48.60
CA PHE A 64 -11.87 -7.02 -47.45
C PHE A 64 -12.73 -8.26 -47.55
N GLN A 65 -12.15 -9.39 -47.16
CA GLN A 65 -12.84 -10.67 -47.17
C GLN A 65 -13.58 -10.84 -45.84
N SER A 66 -14.10 -12.03 -45.54
CA SER A 66 -15.06 -12.19 -44.45
C SER A 66 -14.39 -12.09 -43.09
N VAL A 67 -15.22 -12.08 -42.04
CA VAL A 67 -14.80 -11.93 -40.65
C VAL A 67 -15.00 -13.26 -39.95
N CYS A 68 -14.01 -13.72 -39.18
CA CYS A 68 -14.17 -15.01 -38.53
C CYS A 68 -15.36 -15.03 -37.56
N TYR A 69 -15.96 -16.23 -37.38
CA TYR A 69 -17.18 -16.32 -36.57
C TYR A 69 -16.94 -15.89 -35.13
N GLN A 70 -17.74 -14.94 -34.66
CA GLN A 70 -17.51 -14.36 -33.34
C GLN A 70 -18.82 -13.84 -32.77
N TYR A 71 -18.87 -13.75 -31.44
CA TYR A 71 -19.98 -13.09 -30.76
C TYR A 71 -20.01 -11.61 -31.12
N VAL A 72 -21.22 -11.09 -31.39
CA VAL A 72 -21.40 -9.68 -31.72
C VAL A 72 -21.98 -8.97 -30.51
N ASP A 73 -21.26 -7.93 -30.06
CA ASP A 73 -21.65 -7.13 -28.91
C ASP A 73 -23.04 -6.55 -29.07
N THR A 74 -23.83 -6.61 -27.99
CA THR A 74 -25.19 -6.05 -28.06
C THR A 74 -25.57 -5.24 -26.84
N LEU A 75 -24.59 -4.79 -26.06
CA LEU A 75 -24.91 -4.02 -24.85
C LEU A 75 -25.56 -2.69 -25.20
N TYR A 76 -24.95 -1.92 -26.11
CA TYR A 76 -25.44 -0.59 -26.51
C TYR A 76 -25.66 -0.59 -28.02
N PRO A 77 -26.76 -1.16 -28.50
CA PRO A 77 -26.94 -1.29 -29.96
C PRO A 77 -27.00 0.05 -30.67
N GLY A 78 -26.37 0.08 -31.84
CA GLY A 78 -26.30 1.27 -32.66
C GLY A 78 -25.29 2.31 -32.22
N PHE A 79 -24.57 2.06 -31.12
CA PHE A 79 -23.69 3.03 -30.47
C PHE A 79 -22.31 2.96 -31.09
N GLU A 80 -21.81 4.10 -31.60
CA GLU A 80 -20.55 4.10 -32.32
C GLU A 80 -19.42 3.50 -31.47
N GLY A 81 -19.44 3.77 -30.17
CA GLY A 81 -18.34 3.35 -29.32
C GLY A 81 -18.18 1.86 -29.18
N THR A 82 -19.22 1.10 -29.53
CA THR A 82 -19.16 -0.36 -29.54
C THR A 82 -19.26 -0.95 -30.93
N GLU A 83 -19.88 -0.23 -31.87
CA GLU A 83 -20.03 -0.77 -33.21
C GLU A 83 -18.75 -0.67 -34.04
N MET A 84 -17.89 0.33 -33.73
CA MET A 84 -16.57 0.42 -34.37
C MET A 84 -15.75 -0.84 -34.16
N TRP A 85 -15.99 -1.56 -33.08
CA TRP A 85 -15.31 -2.82 -32.83
C TRP A 85 -16.09 -4.03 -33.33
N ASN A 86 -17.19 -3.83 -34.04
CA ASN A 86 -18.00 -4.97 -34.45
C ASN A 86 -17.73 -5.34 -35.90
N PRO A 87 -18.14 -6.57 -36.31
CA PRO A 87 -17.83 -7.01 -37.68
C PRO A 87 -18.47 -6.11 -38.71
N ASN A 88 -17.72 -5.82 -39.78
CA ASN A 88 -18.21 -5.08 -40.94
C ASN A 88 -18.18 -5.91 -42.21
N ARG A 89 -18.11 -7.24 -42.08
CA ARG A 89 -18.35 -8.12 -43.20
C ARG A 89 -19.24 -9.24 -42.70
N GLU A 90 -19.69 -10.09 -43.63
CA GLU A 90 -20.38 -11.31 -43.22
C GLU A 90 -19.46 -12.18 -42.38
N LEU A 91 -20.06 -12.97 -41.49
CA LEU A 91 -19.27 -13.91 -40.72
C LEU A 91 -19.04 -15.15 -41.55
N SER A 92 -17.91 -15.82 -41.32
CA SER A 92 -17.69 -17.08 -42.01
C SER A 92 -16.60 -17.84 -41.28
N GLU A 93 -16.69 -19.17 -41.32
CA GLU A 93 -15.53 -19.96 -40.93
C GLU A 93 -14.43 -19.83 -41.96
N ASP A 94 -14.79 -19.48 -43.20
CA ASP A 94 -13.86 -19.23 -44.29
C ASP A 94 -13.38 -17.77 -44.22
N CYS A 95 -12.37 -17.52 -43.37
CA CYS A 95 -11.92 -16.16 -43.08
C CYS A 95 -10.41 -15.97 -43.05
N LEU A 96 -9.60 -17.03 -43.17
CA LEU A 96 -8.15 -16.90 -43.12
C LEU A 96 -7.64 -16.20 -44.38
N TYR A 97 -7.76 -14.87 -44.38
CA TYR A 97 -7.30 -14.00 -45.44
C TYR A 97 -6.45 -12.89 -44.83
N LEU A 98 -5.47 -12.37 -45.59
CA LEU A 98 -4.66 -11.25 -45.15
C LEU A 98 -4.69 -10.12 -46.18
N ASN A 99 -4.25 -8.92 -45.75
CA ASN A 99 -4.27 -7.69 -46.54
C ASN A 99 -2.89 -7.04 -46.59
N VAL A 100 -2.57 -6.38 -47.72
CA VAL A 100 -1.29 -5.74 -47.92
C VAL A 100 -1.48 -4.34 -48.51
N TRP A 101 -0.91 -3.34 -47.83
CA TRP A 101 -0.84 -1.95 -48.29
C TRP A 101 0.60 -1.62 -48.67
N THR A 102 0.78 -0.80 -49.70
CA THR A 102 2.11 -0.51 -50.23
C THR A 102 2.07 0.84 -50.94
N PRO A 103 3.16 1.60 -50.93
CA PRO A 103 3.13 2.96 -51.52
C PRO A 103 2.85 2.90 -53.01
N TYR A 104 2.16 3.93 -53.53
CA TYR A 104 1.67 3.82 -54.91
C TYR A 104 2.79 3.70 -55.93
N PRO A 105 3.86 4.46 -55.86
CA PRO A 105 5.06 4.02 -56.58
C PRO A 105 5.70 2.89 -55.80
N ARG A 106 5.50 1.66 -56.24
CA ARG A 106 6.01 0.52 -55.49
C ARG A 106 7.48 0.76 -55.16
N PRO A 107 7.87 0.75 -53.89
CA PRO A 107 9.22 1.16 -53.51
C PRO A 107 10.30 0.44 -54.30
N THR A 108 11.20 1.25 -54.89
CA THR A 108 12.29 0.72 -55.70
C THR A 108 13.23 -0.14 -54.87
N SER A 109 13.61 0.34 -53.64
CA SER A 109 14.40 -0.34 -52.62
C SER A 109 13.48 -1.05 -51.62
N PRO A 110 13.90 -2.19 -51.07
CA PRO A 110 13.07 -2.85 -50.05
C PRO A 110 12.78 -1.94 -48.87
N THR A 111 11.55 -2.02 -48.37
CA THR A 111 11.04 -1.13 -47.34
C THR A 111 10.68 -1.93 -46.09
N PRO A 112 11.01 -1.42 -44.90
CA PRO A 112 10.53 -2.05 -43.67
C PRO A 112 9.02 -2.22 -43.71
N VAL A 113 8.55 -3.25 -43.04
CA VAL A 113 7.16 -3.64 -43.13
C VAL A 113 6.61 -3.92 -41.73
N LEU A 114 5.39 -3.44 -41.48
CA LEU A 114 4.72 -3.51 -40.20
C LEU A 114 3.56 -4.49 -40.35
N VAL A 115 3.37 -5.36 -39.36
CA VAL A 115 2.33 -6.38 -39.40
C VAL A 115 1.45 -6.22 -38.17
N TRP A 116 0.17 -5.98 -38.40
CA TRP A 116 -0.81 -5.66 -37.36
C TRP A 116 -1.63 -6.88 -36.99
N ILE A 117 -1.71 -7.17 -35.70
CA ILE A 117 -2.54 -8.24 -35.16
C ILE A 117 -3.64 -7.59 -34.33
N TYR A 118 -4.90 -7.64 -34.76
CA TYR A 118 -5.97 -7.00 -33.98
C TYR A 118 -6.23 -7.72 -32.66
N GLY A 119 -6.68 -6.95 -31.67
CA GLY A 119 -7.12 -7.50 -30.41
C GLY A 119 -8.62 -7.74 -30.35
N GLY A 120 -9.10 -8.02 -29.14
CA GLY A 120 -10.48 -8.40 -28.98
C GLY A 120 -10.65 -9.59 -28.08
N GLY A 121 -9.82 -9.68 -27.04
CA GLY A 121 -10.08 -10.66 -26.00
C GLY A 121 -9.99 -12.09 -26.49
N PHE A 122 -9.54 -12.30 -27.73
CA PHE A 122 -9.41 -13.59 -28.40
C PHE A 122 -10.75 -14.20 -28.80
N TYR A 123 -11.83 -13.44 -28.72
CA TYR A 123 -13.16 -13.89 -29.11
C TYR A 123 -13.77 -13.02 -30.20
N SER A 124 -13.05 -12.02 -30.71
CA SER A 124 -13.62 -11.06 -31.64
C SER A 124 -12.49 -10.37 -32.39
N GLY A 125 -12.85 -9.55 -33.38
CA GLY A 125 -11.84 -8.77 -34.07
C GLY A 125 -11.83 -9.00 -35.56
N ALA A 126 -11.33 -8.06 -36.33
CA ALA A 126 -11.29 -8.29 -37.75
C ALA A 126 -10.35 -7.28 -38.37
N SER A 127 -9.48 -7.74 -39.29
CA SER A 127 -8.58 -6.84 -39.97
C SER A 127 -9.30 -5.75 -40.74
N SER A 128 -10.63 -5.88 -40.93
CA SER A 128 -11.34 -5.00 -41.85
C SER A 128 -11.95 -3.77 -41.17
N LEU A 129 -11.95 -3.72 -39.84
CA LEU A 129 -12.40 -2.55 -39.09
C LEU A 129 -11.78 -1.28 -39.66
N ASP A 130 -12.57 -0.21 -39.77
CA ASP A 130 -12.05 1.03 -40.36
C ASP A 130 -10.91 1.63 -39.54
N VAL A 131 -10.88 1.31 -38.26
CA VAL A 131 -9.84 1.78 -37.37
C VAL A 131 -8.47 1.27 -37.80
N TYR A 132 -8.42 0.12 -38.45
CA TYR A 132 -7.19 -0.51 -38.87
C TYR A 132 -6.80 -0.22 -40.31
N ASP A 133 -7.49 0.71 -40.98
CA ASP A 133 -7.10 1.06 -42.33
C ASP A 133 -5.62 1.41 -42.33
N GLY A 134 -4.87 0.82 -43.24
CA GLY A 134 -3.46 1.12 -43.31
C GLY A 134 -3.03 2.19 -44.29
N ARG A 135 -3.95 2.86 -44.97
CA ARG A 135 -3.55 3.68 -46.10
C ARG A 135 -2.80 4.94 -45.66
N PHE A 136 -3.14 5.50 -44.50
CA PHE A 136 -2.54 6.75 -44.08
C PHE A 136 -1.11 6.55 -43.56
N LEU A 137 -0.92 5.45 -42.85
CA LEU A 137 0.41 5.03 -42.40
C LEU A 137 1.34 4.76 -43.59
N VAL A 138 0.82 4.12 -44.64
CA VAL A 138 1.65 3.85 -45.81
C VAL A 138 1.93 5.14 -46.57
N GLN A 139 0.88 5.88 -46.93
CA GLN A 139 1.04 7.22 -47.50
C GLN A 139 2.12 8.03 -46.79
N ALA A 140 1.97 8.19 -45.48
CA ALA A 140 2.81 9.09 -44.70
C ALA A 140 4.24 8.60 -44.61
N GLU A 141 4.45 7.38 -44.12
CA GLU A 141 5.81 6.92 -43.84
C GLU A 141 6.40 6.01 -44.93
N ARG A 142 5.65 5.70 -45.98
CA ARG A 142 6.13 4.91 -47.11
C ARG A 142 6.78 3.60 -46.65
N THR A 143 6.00 2.81 -45.92
CA THR A 143 6.36 1.46 -45.51
C THR A 143 5.27 0.48 -45.97
N VAL A 144 5.52 -0.81 -45.82
CA VAL A 144 4.55 -1.81 -46.23
C VAL A 144 3.79 -2.31 -44.99
N LEU A 145 2.49 -2.50 -45.14
CA LEU A 145 1.66 -2.83 -44.00
C LEU A 145 0.78 -4.02 -44.32
N VAL A 146 0.79 -5.01 -43.41
CA VAL A 146 0.12 -6.29 -43.61
C VAL A 146 -0.71 -6.57 -42.36
N SER A 147 -1.99 -6.89 -42.57
CA SER A 147 -2.83 -7.42 -41.52
C SER A 147 -3.51 -8.70 -42.00
N MET A 148 -3.81 -9.55 -41.02
CA MET A 148 -4.29 -10.91 -41.19
C MET A 148 -5.57 -11.10 -40.38
N ASN A 149 -6.35 -12.09 -40.76
CA ASN A 149 -7.44 -12.51 -39.88
C ASN A 149 -6.95 -13.78 -39.19
N TYR A 150 -7.46 -14.03 -37.99
CA TYR A 150 -7.14 -15.28 -37.32
C TYR A 150 -8.37 -15.75 -36.55
N ARG A 151 -8.63 -17.06 -36.56
CA ARG A 151 -9.74 -17.64 -35.84
C ARG A 151 -9.78 -17.19 -34.38
N VAL A 152 -10.98 -16.85 -33.89
CA VAL A 152 -11.18 -16.43 -32.52
C VAL A 152 -12.26 -17.31 -31.91
N GLY A 153 -12.58 -17.05 -30.65
CA GLY A 153 -13.51 -17.90 -29.94
C GLY A 153 -13.08 -19.35 -29.91
N ALA A 154 -14.06 -20.26 -29.77
CA ALA A 154 -13.73 -21.68 -29.77
C ALA A 154 -13.14 -22.13 -31.10
N PHE A 155 -13.46 -21.43 -32.20
CA PHE A 155 -12.87 -21.76 -33.50
C PHE A 155 -11.36 -21.51 -33.54
N GLY A 156 -10.84 -20.67 -32.65
CA GLY A 156 -9.41 -20.47 -32.57
C GLY A 156 -8.76 -21.14 -31.36
N PHE A 157 -9.50 -21.25 -30.26
CA PHE A 157 -8.79 -21.54 -29.01
C PHE A 157 -9.46 -22.61 -28.16
N LEU A 158 -10.50 -23.27 -28.65
CA LEU A 158 -10.98 -24.44 -27.94
C LEU A 158 -9.89 -25.51 -27.92
N ALA A 159 -9.64 -26.10 -26.74
CA ALA A 159 -8.58 -27.09 -26.61
C ALA A 159 -8.98 -28.24 -25.70
N LEU A 160 -8.62 -29.46 -26.13
CA LEU A 160 -8.63 -30.64 -25.29
C LEU A 160 -7.18 -31.08 -25.20
N PRO A 161 -6.41 -30.50 -24.29
CA PRO A 161 -4.96 -30.70 -24.30
C PRO A 161 -4.58 -32.16 -24.37
N GLY A 162 -3.66 -32.48 -25.29
CA GLY A 162 -3.15 -33.81 -25.49
C GLY A 162 -3.74 -34.56 -26.67
N SER A 163 -4.77 -34.00 -27.30
CA SER A 163 -5.51 -34.67 -28.35
C SER A 163 -5.15 -34.05 -29.71
N ARG A 164 -4.91 -34.91 -30.69
CA ARG A 164 -4.57 -34.37 -32.00
C ARG A 164 -5.79 -33.75 -32.70
N GLU A 165 -6.97 -33.91 -32.13
CA GLU A 165 -8.17 -33.46 -32.82
C GLU A 165 -8.60 -32.04 -32.43
N ALA A 166 -8.29 -31.58 -31.20
CA ALA A 166 -8.48 -30.19 -30.79
C ALA A 166 -7.31 -29.76 -29.91
N PRO A 167 -6.20 -29.34 -30.53
CA PRO A 167 -4.93 -29.18 -29.79
C PRO A 167 -4.70 -27.82 -29.16
N GLY A 168 -5.60 -26.86 -29.34
CA GLY A 168 -5.41 -25.53 -28.84
C GLY A 168 -4.59 -24.65 -29.78
N ASN A 169 -4.68 -23.35 -29.53
CA ASN A 169 -3.74 -22.34 -30.04
C ASN A 169 -3.76 -22.20 -31.56
N VAL A 170 -4.76 -22.75 -32.25
CA VAL A 170 -4.72 -22.65 -33.70
C VAL A 170 -4.95 -21.21 -34.18
N GLY A 171 -5.56 -20.33 -33.38
CA GLY A 171 -5.63 -18.94 -33.78
C GLY A 171 -4.27 -18.28 -33.83
N LEU A 172 -3.40 -18.60 -32.87
CA LEU A 172 -2.00 -18.17 -32.98
C LEU A 172 -1.34 -18.78 -34.19
N LEU A 173 -1.61 -20.07 -34.44
CA LEU A 173 -1.02 -20.74 -35.57
C LEU A 173 -1.44 -20.11 -36.89
N ASP A 174 -2.68 -19.61 -36.96
CA ASP A 174 -3.09 -18.81 -38.11
C ASP A 174 -2.14 -17.62 -38.26
N GLN A 175 -1.86 -16.94 -37.14
CA GLN A 175 -1.01 -15.75 -37.17
C GLN A 175 0.38 -16.11 -37.67
N ARG A 176 0.94 -17.21 -37.16
CA ARG A 176 2.25 -17.65 -37.61
C ARG A 176 2.26 -17.92 -39.12
N LEU A 177 1.29 -18.69 -39.63
CA LEU A 177 1.24 -18.96 -41.06
C LEU A 177 1.22 -17.67 -41.89
N ALA A 178 0.49 -16.66 -41.44
CA ALA A 178 0.53 -15.37 -42.12
C ALA A 178 1.91 -14.73 -42.01
N LEU A 179 2.60 -14.95 -40.89
CA LEU A 179 3.97 -14.45 -40.81
C LEU A 179 4.85 -15.22 -41.78
N GLN A 180 4.65 -16.55 -41.89
CA GLN A 180 5.36 -17.30 -42.91
C GLN A 180 5.02 -16.80 -44.31
N TRP A 181 3.78 -16.39 -44.52
CA TRP A 181 3.39 -15.86 -45.82
C TRP A 181 4.13 -14.58 -46.15
N VAL A 182 4.27 -13.67 -45.18
CA VAL A 182 4.92 -12.38 -45.45
C VAL A 182 6.37 -12.63 -45.82
N GLN A 183 7.02 -13.57 -45.14
CA GLN A 183 8.43 -13.85 -45.39
C GLN A 183 8.65 -14.31 -46.83
N GLU A 184 7.72 -15.12 -47.35
CA GLU A 184 7.87 -15.65 -48.70
C GLU A 184 7.39 -14.70 -49.78
N ASN A 185 6.50 -13.75 -49.45
CA ASN A 185 5.77 -13.02 -50.47
C ASN A 185 5.80 -11.50 -50.35
N VAL A 186 6.13 -10.92 -49.18
CA VAL A 186 6.04 -9.47 -49.05
C VAL A 186 6.94 -8.77 -50.06
N ALA A 187 8.00 -9.44 -50.52
CA ALA A 187 8.95 -8.79 -51.40
C ALA A 187 8.37 -8.49 -52.77
N ALA A 188 7.27 -9.14 -53.15
CA ALA A 188 6.62 -8.83 -54.42
C ALA A 188 5.90 -7.49 -54.39
N PHE A 189 5.71 -6.91 -53.20
CA PHE A 189 5.08 -5.60 -53.02
C PHE A 189 6.08 -4.51 -52.66
N GLY A 190 7.34 -4.86 -52.43
CA GLY A 190 8.35 -3.90 -52.06
C GLY A 190 8.85 -4.07 -50.65
N GLY A 191 8.32 -5.02 -49.90
CA GLY A 191 8.68 -5.14 -48.52
C GLY A 191 10.01 -5.83 -48.32
N ASP A 192 10.59 -5.63 -47.14
CA ASP A 192 11.88 -6.23 -46.79
C ASP A 192 11.67 -7.32 -45.77
N PRO A 193 11.78 -8.60 -46.14
CA PRO A 193 11.54 -9.68 -45.17
C PRO A 193 12.46 -9.63 -43.96
N THR A 194 13.62 -9.02 -44.07
CA THR A 194 14.56 -9.03 -42.96
C THR A 194 14.38 -7.87 -42.02
N SER A 195 13.31 -7.09 -42.19
CA SER A 195 12.97 -6.04 -41.23
C SER A 195 11.44 -5.97 -41.16
N VAL A 196 10.84 -6.87 -40.39
CA VAL A 196 9.41 -6.86 -40.18
C VAL A 196 9.16 -6.64 -38.68
N THR A 197 8.21 -5.74 -38.38
CA THR A 197 7.89 -5.35 -37.01
C THR A 197 6.45 -5.73 -36.71
N LEU A 198 6.25 -6.53 -35.66
CA LEU A 198 4.91 -6.88 -35.23
C LEU A 198 4.33 -5.78 -34.35
N PHE A 199 3.05 -5.46 -34.55
CA PHE A 199 2.38 -4.57 -33.62
C PHE A 199 0.92 -4.95 -33.51
N GLY A 200 0.37 -4.78 -32.31
CA GLY A 200 -0.92 -5.29 -31.95
C GLY A 200 -1.39 -4.70 -30.63
N GLU A 201 -2.70 -4.50 -30.49
CA GLU A 201 -3.33 -3.94 -29.32
C GLU A 201 -4.11 -5.01 -28.57
N SER A 202 -4.21 -4.86 -27.25
CA SER A 202 -5.04 -5.74 -26.40
C SER A 202 -4.63 -7.21 -26.63
N ALA A 203 -5.53 -8.14 -26.98
CA ALA A 203 -5.07 -9.51 -27.22
C ALA A 203 -4.19 -9.62 -28.46
N GLY A 204 -4.33 -8.68 -29.40
CA GLY A 204 -3.33 -8.54 -30.45
C GLY A 204 -1.94 -8.29 -29.90
N ALA A 205 -1.83 -7.48 -28.84
CA ALA A 205 -0.52 -7.30 -28.20
C ALA A 205 -0.09 -8.57 -27.46
N ALA A 206 -1.01 -9.23 -26.74
CA ALA A 206 -0.65 -10.47 -26.08
C ALA A 206 -0.20 -11.52 -27.10
N SER A 207 -0.84 -11.53 -28.27
CA SER A 207 -0.40 -12.38 -29.36
C SER A 207 1.05 -12.09 -29.74
N VAL A 208 1.36 -10.82 -29.99
CA VAL A 208 2.76 -10.41 -30.25
C VAL A 208 3.67 -10.97 -29.16
N GLY A 209 3.25 -10.86 -27.90
CA GLY A 209 4.05 -11.41 -26.82
C GLY A 209 4.37 -12.86 -27.00
N MET A 210 3.45 -13.62 -27.57
CA MET A 210 3.64 -15.06 -27.57
C MET A 210 4.46 -15.52 -28.74
N HIS A 211 4.39 -14.82 -29.87
CA HIS A 211 5.36 -15.09 -30.92
C HIS A 211 6.78 -14.79 -30.43
N LEU A 212 6.93 -13.78 -29.54
CA LEU A 212 8.22 -13.50 -28.93
C LEU A 212 8.72 -14.66 -28.08
N LEU A 213 7.82 -15.35 -27.40
CA LEU A 213 8.12 -16.48 -26.53
C LEU A 213 8.05 -17.84 -27.22
N SER A 214 7.78 -17.92 -28.52
CA SER A 214 7.64 -19.20 -29.20
C SER A 214 8.71 -19.36 -30.25
N PRO A 215 9.68 -20.24 -30.03
CA PRO A 215 10.86 -20.31 -30.91
C PRO A 215 10.51 -20.44 -32.39
N PRO A 216 9.54 -21.28 -32.77
CA PRO A 216 9.19 -21.36 -34.21
C PRO A 216 8.72 -20.05 -34.83
N SER A 217 8.25 -19.08 -34.03
CA SER A 217 7.80 -17.78 -34.53
C SER A 217 8.95 -16.77 -34.64
N ARG A 218 9.94 -16.89 -33.74
CA ARG A 218 10.98 -15.89 -33.52
C ARG A 218 12.03 -15.89 -34.64
N GLY A 219 11.71 -16.51 -35.76
CA GLY A 219 12.46 -16.32 -36.98
C GLY A 219 11.74 -15.48 -37.99
N LEU A 220 10.50 -15.09 -37.71
CA LEU A 220 9.61 -14.44 -38.66
C LEU A 220 9.45 -12.94 -38.42
N PHE A 221 10.16 -12.38 -37.43
CA PHE A 221 10.07 -10.96 -37.12
C PHE A 221 11.27 -10.58 -36.26
N HIS A 222 11.47 -9.26 -36.15
CA HIS A 222 12.73 -8.73 -35.67
C HIS A 222 12.59 -7.70 -34.57
N ARG A 223 11.42 -7.09 -34.43
CA ARG A 223 11.13 -6.17 -33.35
C ARG A 223 9.61 -6.10 -33.21
N ALA A 224 9.16 -5.71 -32.01
CA ALA A 224 7.82 -5.99 -31.55
C ALA A 224 7.22 -4.81 -30.78
N VAL A 225 5.95 -4.49 -31.06
CA VAL A 225 5.21 -3.41 -30.40
C VAL A 225 4.01 -3.99 -29.66
N LEU A 226 3.97 -3.81 -28.35
CA LEU A 226 2.85 -4.27 -27.52
C LEU A 226 2.07 -3.06 -27.03
N GLN A 227 0.82 -2.92 -27.46
CA GLN A 227 -0.01 -1.79 -27.03
C GLN A 227 -1.12 -2.32 -26.13
N SER A 228 -1.07 -1.94 -24.86
CA SER A 228 -2.16 -2.18 -23.90
C SER A 228 -2.45 -3.65 -23.69
N GLY A 229 -1.41 -4.49 -23.67
CA GLY A 229 -1.61 -5.90 -23.34
C GLY A 229 -0.31 -6.66 -23.38
N ALA A 230 -0.31 -7.80 -22.71
CA ALA A 230 0.92 -8.57 -22.57
C ALA A 230 0.56 -10.05 -22.38
N PRO A 231 1.40 -10.99 -22.86
CA PRO A 231 1.03 -12.42 -22.75
C PRO A 231 0.92 -12.92 -21.32
N ASN A 232 1.56 -12.23 -20.37
CA ASN A 232 1.59 -12.66 -18.98
C ASN A 232 0.40 -12.16 -18.15
N GLY A 233 -0.57 -11.47 -18.76
CA GLY A 233 -1.79 -11.11 -18.07
C GLY A 233 -2.61 -12.26 -17.49
N PRO A 234 -3.46 -11.96 -16.48
CA PRO A 234 -4.33 -13.00 -15.89
C PRO A 234 -5.40 -13.55 -16.83
N TRP A 235 -5.71 -12.84 -17.92
CA TRP A 235 -6.79 -13.21 -18.81
C TRP A 235 -6.33 -13.87 -20.11
N ALA A 236 -5.04 -13.81 -20.45
CA ALA A 236 -4.60 -14.13 -21.81
C ALA A 236 -4.20 -15.59 -22.00
N THR A 237 -3.94 -16.34 -20.93
CA THR A 237 -3.75 -17.76 -21.09
C THR A 237 -4.60 -18.44 -20.05
N VAL A 238 -4.65 -19.76 -20.15
CA VAL A 238 -5.47 -20.61 -19.30
C VAL A 238 -4.74 -21.93 -19.17
N GLY A 239 -4.96 -22.63 -18.05
CA GLY A 239 -4.33 -23.92 -17.84
C GLY A 239 -4.89 -24.98 -18.76
N MET A 240 -4.24 -26.15 -18.76
CA MET A 240 -4.78 -27.27 -19.53
C MET A 240 -6.06 -27.79 -18.91
N GLY A 241 -5.98 -28.20 -17.63
CA GLY A 241 -7.17 -28.66 -16.94
C GLY A 241 -8.36 -27.74 -17.16
N GLU A 242 -8.13 -26.43 -17.12
CA GLU A 242 -9.23 -25.49 -17.25
C GLU A 242 -9.73 -25.39 -18.69
N ALA A 243 -8.85 -25.49 -19.68
CA ALA A 243 -9.33 -25.42 -21.07
C ALA A 243 -10.15 -26.66 -21.41
N ARG A 244 -9.75 -27.81 -20.90
CA ARG A 244 -10.55 -29.02 -21.07
C ARG A 244 -11.89 -28.85 -20.41
N ARG A 245 -11.89 -28.37 -19.16
CA ARG A 245 -13.14 -28.15 -18.44
C ARG A 245 -14.08 -27.24 -19.23
N ARG A 246 -13.55 -26.19 -19.83
CA ARG A 246 -14.42 -25.27 -20.57
C ARG A 246 -14.84 -25.86 -21.92
N ALA A 247 -14.03 -26.72 -22.53
CA ALA A 247 -14.45 -27.32 -23.79
C ALA A 247 -15.48 -28.41 -23.55
N THR A 248 -15.31 -29.18 -22.48
CA THR A 248 -16.29 -30.19 -22.17
C THR A 248 -17.64 -29.56 -21.85
N GLN A 249 -17.63 -28.39 -21.19
CA GLN A 249 -18.89 -27.76 -20.83
C GLN A 249 -19.59 -27.18 -22.05
N LEU A 250 -18.83 -26.64 -23.02
CA LEU A 250 -19.45 -26.16 -24.25
C LEU A 250 -20.14 -27.28 -24.98
N ALA A 251 -19.51 -28.46 -25.04
CA ALA A 251 -20.11 -29.57 -25.76
C ALA A 251 -21.30 -30.14 -25.00
N HIS A 252 -21.26 -30.10 -23.67
CA HIS A 252 -22.47 -30.49 -22.94
C HIS A 252 -23.60 -29.51 -23.20
N LEU A 253 -23.32 -28.21 -23.16
CA LEU A 253 -24.34 -27.21 -23.42
C LEU A 253 -24.92 -27.30 -24.83
N VAL A 254 -24.16 -27.89 -25.75
CA VAL A 254 -24.58 -27.98 -27.14
C VAL A 254 -25.13 -29.37 -27.49
N GLY A 255 -25.25 -30.25 -26.50
CA GLY A 255 -25.85 -31.55 -26.69
C GLY A 255 -24.91 -32.63 -27.12
N CYS A 256 -23.61 -32.38 -27.08
CA CYS A 256 -22.63 -33.37 -27.50
C CYS A 256 -22.28 -34.32 -26.36
N PRO A 257 -22.74 -35.59 -26.43
CA PRO A 257 -22.55 -36.56 -25.34
C PRO A 257 -21.09 -36.99 -25.21
N THR B 1 -11.66 -46.98 -32.24
CA THR B 1 -11.41 -45.72 -32.91
C THR B 1 -12.00 -44.54 -32.13
N GLY B 2 -13.09 -44.82 -31.41
CA GLY B 2 -13.84 -43.74 -30.77
C GLY B 2 -13.07 -43.06 -29.66
N GLY B 3 -12.49 -43.83 -28.76
CA GLY B 3 -11.87 -43.21 -27.60
C GLY B 3 -12.93 -42.42 -26.85
N ASN B 4 -12.75 -41.10 -26.77
CA ASN B 4 -13.71 -40.23 -26.11
C ASN B 4 -13.44 -38.75 -26.40
N ASP B 5 -12.17 -38.33 -26.33
CA ASP B 5 -11.84 -37.00 -26.82
C ASP B 5 -12.16 -36.88 -28.29
N THR B 6 -11.90 -37.93 -29.07
CA THR B 6 -12.18 -37.86 -30.49
C THR B 6 -13.68 -37.72 -30.71
N GLU B 7 -14.46 -38.43 -29.88
CA GLU B 7 -15.92 -38.32 -29.81
C GLU B 7 -16.39 -36.87 -29.62
N LEU B 8 -15.96 -36.23 -28.52
CA LEU B 8 -16.33 -34.85 -28.24
C LEU B 8 -16.17 -33.96 -29.46
N VAL B 9 -15.00 -34.01 -30.10
CA VAL B 9 -14.70 -33.03 -31.13
C VAL B 9 -15.44 -33.37 -32.42
N ALA B 10 -15.56 -34.67 -32.73
CA ALA B 10 -16.27 -35.04 -33.94
C ALA B 10 -17.71 -34.54 -33.90
N CYS B 11 -18.31 -34.52 -32.69
CA CYS B 11 -19.66 -34.01 -32.52
C CYS B 11 -19.72 -32.50 -32.66
N LEU B 12 -18.84 -31.79 -31.93
CA LEU B 12 -18.80 -30.34 -32.04
C LEU B 12 -18.60 -29.87 -33.47
N ARG B 13 -18.06 -30.72 -34.37
CA ARG B 13 -17.85 -30.26 -35.73
C ARG B 13 -19.14 -30.30 -36.54
N THR B 14 -20.15 -31.06 -36.08
CA THR B 14 -21.44 -31.09 -36.73
C THR B 14 -22.28 -29.84 -36.46
N ARG B 15 -22.01 -29.12 -35.37
CA ARG B 15 -22.86 -27.99 -35.01
C ARG B 15 -22.60 -26.81 -35.92
N PRO B 16 -23.65 -26.09 -36.36
CA PRO B 16 -23.44 -24.85 -37.09
C PRO B 16 -22.58 -23.91 -36.28
N ALA B 17 -21.76 -23.12 -36.99
CA ALA B 17 -20.85 -22.22 -36.28
C ALA B 17 -21.64 -21.33 -35.33
N GLN B 18 -22.80 -20.82 -35.78
CA GLN B 18 -23.58 -19.89 -34.97
C GLN B 18 -24.07 -20.54 -33.67
N VAL B 19 -24.26 -21.86 -33.67
CA VAL B 19 -24.68 -22.54 -32.47
C VAL B 19 -23.60 -22.48 -31.41
N LEU B 20 -22.34 -22.71 -31.80
CA LEU B 20 -21.25 -22.65 -30.83
C LEU B 20 -21.16 -21.25 -30.23
N VAL B 21 -21.15 -20.22 -31.08
CA VAL B 21 -20.99 -18.84 -30.62
C VAL B 21 -22.01 -18.49 -29.55
N ASN B 22 -23.25 -18.95 -29.71
CA ASN B 22 -24.29 -18.52 -28.78
C ASN B 22 -24.13 -19.12 -27.38
N HIS B 23 -23.30 -20.12 -27.20
CA HIS B 23 -23.07 -20.66 -25.87
C HIS B 23 -21.68 -20.31 -25.34
N GLU B 24 -20.98 -19.39 -25.99
CA GLU B 24 -19.59 -19.14 -25.69
C GLU B 24 -19.41 -18.61 -24.27
N TRP B 25 -20.08 -17.50 -23.95
CA TRP B 25 -19.90 -16.87 -22.66
C TRP B 25 -20.35 -17.75 -21.50
N HIS B 26 -21.04 -18.86 -21.76
CA HIS B 26 -21.62 -19.66 -20.71
C HIS B 26 -20.64 -20.61 -20.03
N VAL B 27 -19.39 -20.70 -20.48
CA VAL B 27 -18.47 -21.68 -19.90
C VAL B 27 -17.51 -21.06 -18.90
N LEU B 28 -17.60 -19.74 -18.67
CA LEU B 28 -16.75 -19.05 -17.70
C LEU B 28 -17.02 -19.56 -16.29
N PRO B 29 -15.99 -19.62 -15.44
CA PRO B 29 -16.15 -20.25 -14.12
C PRO B 29 -16.90 -19.39 -13.11
N GLN B 30 -16.67 -18.08 -13.11
CA GLN B 30 -17.42 -17.17 -12.25
C GLN B 30 -17.89 -15.96 -13.05
N GLU B 31 -18.71 -15.14 -12.39
CA GLU B 31 -19.03 -13.83 -12.94
C GLU B 31 -17.78 -12.98 -12.92
N SER B 32 -17.55 -12.25 -14.00
CA SER B 32 -16.25 -11.63 -14.12
C SER B 32 -16.31 -10.60 -15.22
N VAL B 33 -15.44 -9.62 -15.12
CA VAL B 33 -15.21 -8.75 -16.26
C VAL B 33 -13.76 -8.94 -16.70
N PHE B 34 -13.48 -8.67 -17.98
CA PHE B 34 -12.14 -8.88 -18.54
C PHE B 34 -11.67 -10.32 -18.39
N ARG B 35 -12.60 -11.27 -18.57
CA ARG B 35 -12.35 -12.69 -18.78
C ARG B 35 -13.03 -13.11 -20.08
N PHE B 36 -12.37 -13.99 -20.82
CA PHE B 36 -12.84 -14.53 -22.09
C PHE B 36 -12.62 -16.04 -22.05
N SER B 37 -13.51 -16.82 -22.67
CA SER B 37 -13.51 -18.24 -22.36
C SER B 37 -12.55 -19.10 -23.20
N PHE B 38 -12.24 -18.71 -24.42
CA PHE B 38 -11.35 -19.51 -25.26
C PHE B 38 -10.14 -18.63 -25.62
N VAL B 39 -9.02 -18.92 -24.96
CA VAL B 39 -7.80 -18.12 -25.00
C VAL B 39 -6.63 -19.09 -25.13
N PRO B 40 -5.41 -18.62 -25.42
CA PRO B 40 -4.27 -19.55 -25.56
C PRO B 40 -4.06 -20.42 -24.33
N VAL B 41 -3.48 -21.59 -24.53
CA VAL B 41 -3.37 -22.60 -23.49
C VAL B 41 -1.90 -22.96 -23.30
N VAL B 42 -1.51 -23.22 -22.05
CA VAL B 42 -0.15 -23.68 -21.78
C VAL B 42 -0.18 -25.20 -21.93
N ASP B 43 0.00 -25.65 -23.16
CA ASP B 43 -0.06 -27.07 -23.49
C ASP B 43 1.32 -27.72 -23.52
N GLY B 44 2.40 -26.93 -23.48
CA GLY B 44 3.73 -27.43 -23.73
C GLY B 44 4.15 -27.38 -25.18
N ASP B 45 3.23 -27.09 -26.10
CA ASP B 45 3.57 -27.05 -27.51
C ASP B 45 3.92 -25.62 -27.91
N PHE B 46 2.91 -24.82 -28.24
CA PHE B 46 3.18 -23.45 -28.71
C PHE B 46 3.91 -22.65 -27.64
N LEU B 47 3.40 -22.68 -26.41
CA LEU B 47 4.12 -22.17 -25.27
C LEU B 47 4.83 -23.34 -24.58
N SER B 48 6.16 -23.27 -24.54
CA SER B 48 6.99 -24.26 -23.86
C SER B 48 6.59 -24.44 -22.40
N ASP B 49 6.06 -23.40 -21.78
CA ASP B 49 5.81 -23.29 -20.34
C ASP B 49 4.98 -22.03 -20.18
N THR B 50 4.66 -21.67 -18.94
CA THR B 50 3.81 -20.51 -18.71
C THR B 50 4.49 -19.24 -19.21
N PRO B 51 3.76 -18.31 -19.85
CA PRO B 51 4.42 -17.10 -20.36
C PRO B 51 5.24 -16.40 -19.30
N GLU B 52 4.82 -16.45 -18.03
CA GLU B 52 5.66 -15.90 -16.97
C GLU B 52 7.02 -16.59 -16.94
N ALA B 53 7.04 -17.92 -16.84
CA ALA B 53 8.30 -18.67 -16.73
C ALA B 53 9.21 -18.43 -17.93
N LEU B 54 8.65 -18.40 -19.13
CA LEU B 54 9.43 -18.07 -20.32
C LEU B 54 10.13 -16.72 -20.19
N ILE B 55 9.40 -15.69 -19.74
CA ILE B 55 10.02 -14.38 -19.59
C ILE B 55 11.17 -14.44 -18.60
N ASN B 56 10.92 -15.02 -17.42
CA ASN B 56 11.91 -15.07 -16.34
C ASN B 56 13.21 -15.74 -16.76
N ALA B 57 13.15 -16.71 -17.66
CA ALA B 57 14.36 -17.41 -18.05
C ALA B 57 14.80 -17.07 -19.47
N GLY B 58 14.18 -16.07 -20.09
CA GLY B 58 14.51 -15.74 -21.46
C GLY B 58 15.80 -14.94 -21.61
N ASP B 59 16.42 -15.08 -22.78
CA ASP B 59 17.48 -14.17 -23.23
C ASP B 59 16.95 -13.35 -24.40
N PHE B 60 16.91 -12.01 -24.23
CA PHE B 60 16.33 -11.16 -25.26
C PHE B 60 17.31 -10.14 -25.83
N HIS B 61 18.61 -10.40 -25.70
CA HIS B 61 19.59 -9.62 -26.43
C HIS B 61 19.26 -9.66 -27.93
N GLY B 62 19.35 -8.49 -28.58
CA GLY B 62 19.08 -8.36 -30.00
C GLY B 62 17.66 -7.98 -30.38
N LEU B 63 16.82 -7.68 -29.39
CA LEU B 63 15.41 -7.40 -29.59
C LEU B 63 15.12 -5.97 -29.15
N GLN B 64 14.41 -5.23 -29.97
CA GLN B 64 13.87 -3.95 -29.56
C GLN B 64 12.36 -4.08 -29.41
N VAL B 65 11.81 -3.47 -28.37
CA VAL B 65 10.41 -3.64 -28.01
C VAL B 65 9.83 -2.28 -27.67
N LEU B 66 8.63 -2.02 -28.15
CA LEU B 66 7.91 -0.78 -27.89
C LEU B 66 6.62 -1.14 -27.16
N VAL B 67 6.46 -0.68 -25.92
CA VAL B 67 5.27 -1.04 -25.15
C VAL B 67 4.64 0.21 -24.58
N GLY B 68 3.33 0.14 -24.31
CA GLY B 68 2.65 1.25 -23.68
C GLY B 68 1.20 0.94 -23.41
N VAL B 69 0.60 1.77 -22.55
CA VAL B 69 -0.78 1.67 -22.09
C VAL B 69 -1.47 3.01 -22.29
N VAL B 70 -2.81 3.02 -22.24
CA VAL B 70 -3.51 4.30 -22.24
C VAL B 70 -3.79 4.74 -20.81
N LYS B 71 -4.26 5.99 -20.65
CA LYS B 71 -4.40 6.55 -19.31
C LYS B 71 -5.39 5.76 -18.45
N ASP B 72 -6.53 5.33 -19.01
CA ASP B 72 -7.58 4.67 -18.21
C ASP B 72 -7.93 3.31 -18.79
N GLU B 73 -7.13 2.30 -18.45
CA GLU B 73 -7.32 1.01 -19.09
C GLU B 73 -8.62 0.32 -18.66
N GLY B 74 -9.07 0.57 -17.43
CA GLY B 74 -10.19 -0.21 -16.90
C GLY B 74 -11.58 0.35 -17.12
N SER B 75 -11.73 1.63 -17.48
CA SER B 75 -13.06 2.24 -17.50
C SER B 75 -13.98 1.53 -18.49
N TYR B 76 -13.46 1.11 -19.64
CA TYR B 76 -14.27 0.42 -20.66
C TYR B 76 -14.86 -0.87 -20.10
N PHE B 77 -14.05 -1.68 -19.44
CA PHE B 77 -14.49 -2.98 -19.00
C PHE B 77 -15.57 -2.90 -17.92
N LEU B 78 -15.65 -1.79 -17.20
CA LEU B 78 -16.52 -1.74 -16.03
C LEU B 78 -17.99 -1.85 -16.43
N VAL B 79 -18.39 -1.18 -17.51
CA VAL B 79 -19.80 -1.17 -17.90
C VAL B 79 -20.30 -2.51 -18.43
N TYR B 80 -19.40 -3.48 -18.63
CA TYR B 80 -19.77 -4.82 -19.10
C TYR B 80 -19.87 -5.81 -17.95
N GLY B 81 -20.41 -5.41 -16.82
CA GLY B 81 -20.55 -6.37 -15.76
C GLY B 81 -20.45 -5.81 -14.36
N ALA B 82 -20.01 -4.51 -14.22
CA ALA B 82 -19.76 -4.05 -12.84
C ALA B 82 -21.01 -3.46 -12.23
N PRO B 83 -21.35 -3.82 -10.99
CA PRO B 83 -22.58 -3.30 -10.37
C PRO B 83 -22.58 -1.78 -10.25
N GLY B 84 -23.51 -1.14 -10.96
CA GLY B 84 -23.71 0.28 -10.85
C GLY B 84 -23.15 1.08 -11.98
N PHE B 85 -22.52 0.45 -12.96
CA PHE B 85 -21.78 1.14 -14.00
C PHE B 85 -22.58 1.23 -15.29
N SER B 86 -22.45 2.37 -15.96
CA SER B 86 -23.14 2.55 -17.23
C SER B 86 -22.56 3.73 -17.96
N LYS B 87 -22.26 3.52 -19.25
CA LYS B 87 -22.12 4.57 -20.26
C LYS B 87 -23.02 5.77 -20.01
N ASP B 88 -24.29 5.53 -19.65
CA ASP B 88 -25.34 6.53 -19.74
C ASP B 88 -25.58 7.32 -18.47
N ASN B 89 -24.94 6.96 -17.35
CA ASN B 89 -24.88 7.90 -16.24
C ASN B 89 -23.45 8.12 -15.75
N GLU B 90 -23.30 8.71 -14.58
CA GLU B 90 -21.99 9.07 -14.08
C GLU B 90 -21.32 7.92 -13.34
N SER B 91 -22.02 6.80 -13.16
CA SER B 91 -21.50 5.62 -12.48
C SER B 91 -20.92 5.96 -11.10
N LEU B 92 -21.60 6.83 -10.37
CA LEU B 92 -21.24 7.13 -8.98
C LEU B 92 -21.67 5.96 -8.11
N ILE B 93 -20.81 4.94 -8.02
CA ILE B 93 -21.17 3.70 -7.35
C ILE B 93 -21.11 3.88 -5.84
N SER B 94 -21.76 2.96 -5.13
CA SER B 94 -21.76 2.92 -3.68
C SER B 94 -20.59 2.09 -3.19
N ARG B 95 -20.33 2.13 -1.88
CA ARG B 95 -19.22 1.31 -1.39
C ARG B 95 -19.54 -0.18 -1.51
N ALA B 96 -20.77 -0.57 -1.17
CA ALA B 96 -21.11 -1.98 -1.28
C ALA B 96 -21.07 -2.43 -2.73
N GLU B 97 -21.43 -1.54 -3.66
CA GLU B 97 -21.26 -1.86 -5.07
C GLU B 97 -19.78 -2.00 -5.42
N PHE B 98 -18.94 -1.15 -4.81
CA PHE B 98 -17.49 -1.20 -5.07
C PHE B 98 -16.90 -2.51 -4.58
N LEU B 99 -17.20 -2.89 -3.33
CA LEU B 99 -16.69 -4.16 -2.80
C LEU B 99 -17.12 -5.33 -3.66
N ALA B 100 -18.42 -5.39 -4.02
CA ALA B 100 -18.88 -6.41 -4.96
C ALA B 100 -18.16 -6.31 -6.29
N GLY B 101 -17.94 -5.08 -6.77
CA GLY B 101 -17.23 -4.90 -8.03
C GLY B 101 -15.80 -5.44 -8.00
N VAL B 102 -15.19 -5.50 -6.81
CA VAL B 102 -13.80 -5.99 -6.71
C VAL B 102 -13.77 -7.49 -6.88
N ARG B 103 -14.80 -8.19 -6.36
CA ARG B 103 -14.83 -9.65 -6.55
C ARG B 103 -15.06 -10.02 -8.00
N VAL B 104 -15.57 -9.11 -8.81
CA VAL B 104 -15.76 -9.44 -10.22
C VAL B 104 -14.55 -9.06 -11.05
N GLY B 105 -13.90 -7.94 -10.73
CA GLY B 105 -12.71 -7.54 -11.44
C GLY B 105 -11.53 -8.45 -11.15
N VAL B 106 -11.44 -8.92 -9.92
CA VAL B 106 -10.43 -9.87 -9.53
C VAL B 106 -11.11 -11.19 -9.19
N PRO B 107 -11.54 -11.99 -10.16
CA PRO B 107 -12.21 -13.25 -9.83
C PRO B 107 -11.20 -14.34 -9.49
N GLN B 108 -11.72 -15.46 -9.00
CA GLN B 108 -10.90 -16.64 -8.71
C GLN B 108 -9.73 -16.27 -7.79
N VAL B 109 -10.06 -15.66 -6.65
CA VAL B 109 -9.09 -15.10 -5.70
C VAL B 109 -9.68 -15.19 -4.31
N SER B 110 -8.84 -15.44 -3.31
CA SER B 110 -9.36 -15.73 -1.98
C SER B 110 -9.96 -14.48 -1.33
N ASP B 111 -10.70 -14.71 -0.24
CA ASP B 111 -11.32 -13.60 0.50
C ASP B 111 -10.28 -12.62 1.00
N LEU B 112 -9.33 -13.14 1.79
CA LEU B 112 -8.21 -12.34 2.29
C LEU B 112 -7.45 -11.65 1.17
N ALA B 113 -7.37 -12.25 0.00
CA ALA B 113 -6.70 -11.58 -1.10
C ALA B 113 -7.49 -10.40 -1.62
N ALA B 114 -8.81 -10.42 -1.48
CA ALA B 114 -9.56 -9.24 -1.87
C ALA B 114 -9.56 -8.20 -0.76
N GLU B 115 -9.41 -8.62 0.49
CA GLU B 115 -9.14 -7.66 1.55
C GLU B 115 -7.92 -6.84 1.17
N ALA B 116 -6.87 -7.52 0.69
CA ALA B 116 -5.64 -6.84 0.35
C ALA B 116 -5.85 -5.87 -0.80
N VAL B 117 -6.71 -6.22 -1.75
CA VAL B 117 -7.00 -5.25 -2.79
C VAL B 117 -7.79 -4.08 -2.22
N VAL B 118 -8.70 -4.36 -1.31
CA VAL B 118 -9.45 -3.26 -0.74
C VAL B 118 -8.53 -2.36 0.08
N LEU B 119 -7.53 -2.95 0.74
CA LEU B 119 -6.62 -2.15 1.55
C LEU B 119 -5.84 -1.19 0.68
N HIS B 120 -5.32 -1.70 -0.44
CA HIS B 120 -4.43 -0.95 -1.31
C HIS B 120 -5.22 0.12 -2.09
N TYR B 121 -6.51 -0.08 -2.30
CA TYR B 121 -7.22 0.74 -3.27
C TYR B 121 -8.38 1.57 -2.71
N THR B 122 -8.63 1.58 -1.41
CA THR B 122 -9.61 2.55 -0.93
C THR B 122 -8.89 3.68 -0.20
N ASP B 123 -9.58 4.80 -0.09
CA ASP B 123 -9.07 6.00 0.56
C ASP B 123 -9.69 6.05 1.94
N TRP B 124 -8.98 5.54 2.94
CA TRP B 124 -9.60 5.29 4.24
C TRP B 124 -9.97 6.56 5.00
N LEU B 125 -9.70 7.74 4.45
CA LEU B 125 -10.29 8.96 4.97
C LEU B 125 -11.62 9.30 4.27
N HIS B 126 -11.79 8.87 3.01
CA HIS B 126 -13.04 8.97 2.26
C HIS B 126 -13.48 7.59 1.79
N PRO B 127 -13.77 6.67 2.72
CA PRO B 127 -14.10 5.31 2.30
C PRO B 127 -15.31 5.22 1.43
N GLU B 128 -16.13 6.27 1.36
CA GLU B 128 -17.43 6.14 0.72
C GLU B 128 -17.75 7.16 -0.37
N ASP B 129 -16.83 8.08 -0.70
CA ASP B 129 -16.99 9.00 -1.84
C ASP B 129 -17.24 8.18 -3.11
N PRO B 130 -18.43 8.26 -3.72
CA PRO B 130 -18.68 7.47 -4.94
C PRO B 130 -17.70 7.74 -6.08
N ALA B 131 -17.29 9.00 -6.30
CA ALA B 131 -16.40 9.28 -7.43
C ALA B 131 -15.05 8.63 -7.22
N ARG B 132 -14.49 8.75 -6.03
CA ARG B 132 -13.22 8.08 -5.73
C ARG B 132 -13.31 6.57 -5.93
N LEU B 133 -14.47 5.98 -5.67
CA LEU B 133 -14.64 4.54 -5.76
C LEU B 133 -14.76 4.09 -7.21
N ARG B 134 -15.48 4.87 -8.02
CA ARG B 134 -15.49 4.64 -9.46
C ARG B 134 -14.06 4.56 -10.01
N GLU B 135 -13.28 5.61 -9.75
CA GLU B 135 -11.88 5.65 -10.14
C GLU B 135 -11.10 4.46 -9.59
N ALA B 136 -11.30 4.14 -8.32
CA ALA B 136 -10.56 3.05 -7.71
C ALA B 136 -10.80 1.74 -8.45
N LEU B 137 -12.07 1.42 -8.74
CA LEU B 137 -12.34 0.15 -9.42
C LEU B 137 -11.80 0.18 -10.84
N SER B 138 -11.97 1.31 -11.54
CA SER B 138 -11.37 1.51 -12.85
C SER B 138 -9.87 1.28 -12.82
N ASP B 139 -9.24 1.47 -11.65
CA ASP B 139 -7.81 1.21 -11.52
C ASP B 139 -7.55 -0.25 -11.16
N VAL B 140 -8.37 -0.85 -10.30
CA VAL B 140 -8.17 -2.25 -9.96
C VAL B 140 -8.18 -3.11 -11.20
N VAL B 141 -9.15 -2.87 -12.07
CA VAL B 141 -9.30 -3.68 -13.29
C VAL B 141 -8.19 -3.36 -14.28
N GLY B 142 -8.04 -2.09 -14.63
CA GLY B 142 -7.00 -1.69 -15.55
C GLY B 142 -5.61 -2.08 -15.09
N ASP B 143 -5.30 -1.86 -13.81
CA ASP B 143 -3.99 -2.26 -13.34
C ASP B 143 -3.80 -3.76 -13.48
N HIS B 144 -4.61 -4.55 -12.79
CA HIS B 144 -4.40 -6.01 -12.65
C HIS B 144 -4.36 -6.71 -14.01
N ASN B 145 -5.10 -6.18 -14.99
CA ASN B 145 -5.25 -6.80 -16.29
C ASN B 145 -4.36 -6.22 -17.36
N VAL B 146 -4.03 -4.94 -17.32
CA VAL B 146 -3.15 -4.42 -18.36
C VAL B 146 -1.84 -3.91 -17.78
N VAL B 147 -1.88 -2.79 -17.06
CA VAL B 147 -0.67 -2.05 -16.73
C VAL B 147 0.35 -2.91 -16.00
N CYS B 148 -0.04 -3.50 -14.88
CA CYS B 148 1.02 -4.18 -14.14
C CYS B 148 1.58 -5.39 -14.87
N PRO B 149 0.75 -6.15 -15.61
CA PRO B 149 1.34 -7.13 -16.55
C PRO B 149 2.29 -6.52 -17.58
N VAL B 150 1.88 -5.46 -18.30
CA VAL B 150 2.80 -4.81 -19.24
C VAL B 150 4.08 -4.42 -18.54
N ALA B 151 3.98 -3.74 -17.41
CA ALA B 151 5.18 -3.25 -16.73
C ALA B 151 6.07 -4.37 -16.22
N GLN B 152 5.49 -5.52 -15.86
CA GLN B 152 6.32 -6.65 -15.48
C GLN B 152 7.10 -7.16 -16.68
N LEU B 153 6.39 -7.41 -17.79
CA LEU B 153 7.07 -7.78 -19.03
C LEU B 153 8.20 -6.82 -19.35
N ALA B 154 7.91 -5.51 -19.29
CA ALA B 154 8.84 -4.54 -19.84
C ALA B 154 10.11 -4.48 -19.01
N GLY B 155 9.97 -4.38 -17.70
CA GLY B 155 11.15 -4.41 -16.86
C GLY B 155 11.93 -5.68 -17.05
N ARG B 156 11.27 -6.75 -17.39
CA ARG B 156 11.98 -8.01 -17.36
C ARG B 156 12.67 -8.32 -18.69
N LEU B 157 12.07 -7.94 -19.82
CA LEU B 157 12.82 -7.94 -21.07
C LEU B 157 14.03 -7.03 -20.96
N ALA B 158 13.82 -5.81 -20.46
CA ALA B 158 14.89 -4.82 -20.40
C ALA B 158 16.09 -5.34 -19.63
N ALA B 159 15.84 -5.93 -18.46
CA ALA B 159 16.88 -6.44 -17.60
C ALA B 159 17.55 -7.71 -18.13
N GLN B 160 17.06 -8.27 -19.25
CA GLN B 160 17.59 -9.52 -19.77
C GLN B 160 17.98 -9.41 -21.24
N GLY B 161 18.34 -8.19 -21.68
CA GLY B 161 19.00 -7.98 -22.94
C GLY B 161 18.21 -7.25 -23.99
N ALA B 162 16.92 -6.99 -23.73
CA ALA B 162 16.11 -6.27 -24.69
C ALA B 162 16.44 -4.78 -24.63
N ARG B 163 15.89 -4.04 -25.58
CA ARG B 163 16.02 -2.59 -25.62
C ARG B 163 14.61 -2.04 -25.74
N VAL B 164 14.07 -1.49 -24.66
CA VAL B 164 12.64 -1.28 -24.53
C VAL B 164 12.35 0.21 -24.55
N TYR B 165 11.20 0.58 -25.11
CA TYR B 165 10.69 1.93 -25.00
C TYR B 165 9.26 1.85 -24.51
N ALA B 166 8.85 2.79 -23.64
CA ALA B 166 7.52 2.78 -23.04
C ALA B 166 6.81 4.12 -23.26
N TYR B 167 5.48 4.10 -23.26
CA TYR B 167 4.67 5.30 -23.38
C TYR B 167 3.38 5.15 -22.56
N VAL B 168 2.81 6.28 -22.15
CA VAL B 168 1.41 6.33 -21.72
C VAL B 168 0.68 7.20 -22.73
N PHE B 169 -0.26 6.59 -23.45
CA PHE B 169 -1.09 7.39 -24.35
C PHE B 169 -2.18 8.04 -23.53
N GLU B 170 -2.17 9.37 -23.46
CA GLU B 170 -3.15 10.03 -22.61
C GLU B 170 -3.74 11.27 -23.29
N HIS B 171 -4.18 11.11 -24.53
CA HIS B 171 -5.00 12.10 -25.19
C HIS B 171 -6.41 11.54 -25.42
N ARG B 172 -7.42 12.33 -25.09
CA ARG B 172 -8.79 11.91 -25.31
C ARG B 172 -9.28 12.47 -26.65
N ALA B 173 -9.77 11.59 -27.52
CA ALA B 173 -10.16 12.01 -28.85
C ALA B 173 -11.26 13.07 -28.76
N SER B 174 -11.13 14.13 -29.57
CA SER B 174 -12.21 15.10 -29.62
C SER B 174 -13.50 14.47 -30.12
N THR B 175 -13.41 13.36 -30.85
CA THR B 175 -14.55 12.70 -31.44
C THR B 175 -15.17 11.63 -30.53
N LEU B 176 -14.61 11.41 -29.34
CA LEU B 176 -14.89 10.19 -28.60
C LEU B 176 -16.34 10.13 -28.14
N SER B 177 -16.96 8.97 -28.31
CA SER B 177 -18.38 8.81 -28.05
C SER B 177 -18.70 8.23 -26.68
N TRP B 178 -17.71 7.66 -25.98
CA TRP B 178 -17.93 7.25 -24.61
C TRP B 178 -18.07 8.49 -23.72
N PRO B 179 -18.60 8.33 -22.50
CA PRO B 179 -18.80 9.49 -21.63
C PRO B 179 -17.48 9.95 -21.06
N LEU B 180 -17.51 11.13 -20.47
CA LEU B 180 -16.26 11.78 -20.10
C LEU B 180 -15.59 11.12 -18.91
N TRP B 181 -16.35 10.41 -18.07
CA TRP B 181 -15.73 9.83 -16.87
C TRP B 181 -14.80 8.67 -17.20
N MET B 182 -14.89 8.13 -18.41
CA MET B 182 -14.03 7.02 -18.77
C MET B 182 -12.63 7.50 -19.16
N GLY B 183 -12.50 8.74 -19.60
CA GLY B 183 -11.17 9.29 -19.83
C GLY B 183 -10.63 8.88 -21.17
N VAL B 184 -9.43 8.30 -21.17
CA VAL B 184 -8.86 7.72 -22.37
C VAL B 184 -8.97 6.22 -22.21
N PRO B 185 -10.00 5.59 -22.77
CA PRO B 185 -10.24 4.17 -22.48
C PRO B 185 -9.48 3.25 -23.42
N HIS B 186 -9.37 2.01 -22.96
CA HIS B 186 -8.68 0.92 -23.64
C HIS B 186 -9.07 0.80 -25.10
N GLY B 187 -8.09 0.97 -25.96
CA GLY B 187 -8.27 0.86 -27.38
C GLY B 187 -8.35 2.17 -28.13
N TYR B 188 -8.19 3.31 -27.47
CA TYR B 188 -8.45 4.56 -28.18
C TYR B 188 -7.19 5.33 -28.52
N GLU B 189 -6.04 4.63 -28.54
CA GLU B 189 -4.85 5.12 -29.21
C GLU B 189 -4.88 4.77 -30.71
N ILE B 190 -5.56 3.66 -31.06
CA ILE B 190 -5.37 3.05 -32.38
C ILE B 190 -5.74 4.02 -33.49
N GLU B 191 -6.90 4.67 -33.38
CA GLU B 191 -7.31 5.72 -34.30
C GLU B 191 -6.13 6.61 -34.73
N PHE B 192 -5.23 6.87 -33.77
CA PHE B 192 -4.15 7.82 -34.01
C PHE B 192 -2.92 7.16 -34.57
N ILE B 193 -2.52 5.99 -34.03
CA ILE B 193 -1.37 5.27 -34.60
C ILE B 193 -1.62 4.91 -36.06
N PHE B 194 -2.86 4.61 -36.42
CA PHE B 194 -3.19 4.38 -37.80
C PHE B 194 -3.51 5.67 -38.54
N GLY B 195 -3.47 6.80 -37.85
CA GLY B 195 -3.65 8.10 -38.47
C GLY B 195 -4.99 8.34 -39.13
N ILE B 196 -6.07 7.90 -38.49
CA ILE B 196 -7.41 8.17 -39.01
C ILE B 196 -7.71 9.67 -39.06
N PRO B 197 -7.29 10.51 -38.09
CA PRO B 197 -7.52 11.95 -38.22
C PRO B 197 -7.24 12.51 -39.60
N LEU B 198 -6.39 11.83 -40.38
CA LEU B 198 -6.09 12.29 -41.73
C LEU B 198 -7.27 12.12 -42.68
N ASP B 199 -8.15 11.13 -42.41
CA ASP B 199 -9.37 10.91 -43.19
C ASP B 199 -10.22 12.16 -43.15
N PRO B 200 -10.48 12.82 -44.28
CA PRO B 200 -11.28 14.05 -44.24
C PRO B 200 -12.68 13.86 -43.67
N SER B 201 -13.30 12.68 -43.84
CA SER B 201 -14.69 12.51 -43.41
C SER B 201 -14.83 12.54 -41.89
N ARG B 202 -14.02 11.77 -41.17
CA ARG B 202 -14.04 11.85 -39.70
C ARG B 202 -13.63 13.27 -39.28
N ASN B 203 -14.43 13.91 -38.41
CA ASN B 203 -14.28 15.36 -38.14
C ASN B 203 -13.29 15.63 -37.01
N TYR B 204 -12.02 15.29 -37.24
CA TYR B 204 -10.98 15.50 -36.22
C TYR B 204 -10.44 16.92 -36.28
N THR B 205 -9.78 17.34 -35.20
CA THR B 205 -9.26 18.70 -35.12
C THR B 205 -7.94 18.82 -35.86
N ALA B 206 -7.66 20.03 -36.34
CA ALA B 206 -6.44 20.27 -37.10
C ALA B 206 -5.19 19.95 -36.28
N GLU B 207 -5.22 20.22 -34.98
CA GLU B 207 -4.09 19.87 -34.13
C GLU B 207 -3.98 18.37 -33.94
N GLU B 208 -5.12 17.67 -34.00
CA GLU B 208 -5.13 16.23 -33.80
C GLU B 208 -4.53 15.49 -34.99
N LYS B 209 -4.68 16.02 -36.20
CA LYS B 209 -3.99 15.42 -37.34
C LYS B 209 -2.49 15.44 -37.11
N ILE B 210 -1.95 16.60 -36.74
CA ILE B 210 -0.53 16.72 -36.39
C ILE B 210 -0.14 15.68 -35.35
N PHE B 211 -0.97 15.49 -34.32
CA PHE B 211 -0.65 14.51 -33.28
C PHE B 211 -0.49 13.11 -33.88
N ALA B 212 -1.33 12.77 -34.86
CA ALA B 212 -1.28 11.44 -35.46
C ALA B 212 -0.09 11.30 -36.40
N GLN B 213 0.13 12.31 -37.25
CA GLN B 213 1.34 12.34 -38.07
C GLN B 213 2.57 12.18 -37.21
N ARG B 214 2.68 12.99 -36.16
CA ARG B 214 3.80 12.89 -35.23
C ARG B 214 3.84 11.50 -34.59
N LEU B 215 2.68 10.90 -34.33
CA LEU B 215 2.67 9.62 -33.63
C LEU B 215 3.00 8.46 -34.58
N MET B 216 2.52 8.54 -35.83
CA MET B 216 2.95 7.64 -36.89
C MET B 216 4.47 7.60 -37.02
N ARG B 217 5.13 8.76 -36.91
CA ARG B 217 6.58 8.83 -37.15
C ARG B 217 7.36 8.06 -36.09
N TYR B 218 6.95 8.11 -34.82
CA TYR B 218 7.64 7.25 -33.85
C TYR B 218 7.51 5.79 -34.23
N TRP B 219 6.31 5.36 -34.66
CA TRP B 219 6.10 3.95 -34.98
C TRP B 219 6.92 3.52 -36.19
N ALA B 220 6.82 4.27 -37.30
CA ALA B 220 7.70 3.98 -38.43
C ALA B 220 9.17 3.95 -38.01
N ASN B 221 9.66 5.04 -37.40
CA ASN B 221 11.03 5.09 -36.86
C ASN B 221 11.38 3.82 -36.09
N PHE B 222 10.56 3.43 -35.12
CA PHE B 222 10.85 2.19 -34.38
C PHE B 222 10.97 0.98 -35.33
N ALA B 223 9.99 0.80 -36.22
CA ALA B 223 10.10 -0.26 -37.23
C ALA B 223 11.44 -0.21 -37.96
N ARG B 224 11.82 0.96 -38.49
CA ARG B 224 13.05 1.07 -39.28
C ARG B 224 14.28 0.80 -38.43
N THR B 225 14.47 1.55 -37.34
CA THR B 225 15.73 1.54 -36.62
C THR B 225 15.68 0.82 -35.28
N GLY B 226 14.49 0.56 -34.74
CA GLY B 226 14.41 -0.03 -33.43
C GLY B 226 14.49 0.98 -32.32
N ASP B 227 14.12 2.22 -32.59
CA ASP B 227 14.34 3.40 -31.75
C ASP B 227 13.36 4.44 -32.25
N PRO B 228 12.38 4.84 -31.44
CA PRO B 228 11.36 5.79 -31.93
C PRO B 228 11.90 7.16 -32.22
N ASN B 229 13.08 7.50 -31.71
CA ASN B 229 13.63 8.83 -31.78
C ASN B 229 14.06 9.19 -33.19
N GLU B 230 14.15 10.48 -33.44
CA GLU B 230 14.75 10.99 -34.68
C GLU B 230 16.27 11.03 -34.53
N PRO B 231 17.05 10.39 -35.46
CA PRO B 231 18.51 10.23 -35.23
C PRO B 231 19.32 11.49 -35.47
N ARG B 232 19.01 12.20 -36.56
CA ARG B 232 19.66 13.46 -36.94
C ARG B 232 19.08 14.67 -36.23
N ASP B 233 17.92 14.52 -35.58
CA ASP B 233 17.31 15.59 -34.81
C ASP B 233 17.54 15.31 -33.33
N PRO B 234 18.64 15.85 -32.74
CA PRO B 234 18.90 15.66 -31.29
C PRO B 234 18.24 16.68 -30.39
N LYS B 235 17.92 17.85 -30.95
CA LYS B 235 17.44 18.99 -30.16
C LYS B 235 15.96 18.91 -29.80
N ALA B 236 15.22 17.92 -30.33
CA ALA B 236 13.86 17.62 -29.88
C ALA B 236 13.90 16.64 -28.73
N PRO B 237 12.87 16.61 -27.88
CA PRO B 237 12.96 15.85 -26.62
C PRO B 237 13.11 14.36 -26.86
N GLN B 238 14.20 13.81 -26.32
CA GLN B 238 14.52 12.40 -26.49
C GLN B 238 13.55 11.52 -25.73
N TRP B 239 13.24 10.36 -26.29
CA TRP B 239 12.44 9.36 -25.62
C TRP B 239 13.42 8.30 -25.11
N PRO B 240 13.69 8.25 -23.81
CA PRO B 240 14.71 7.34 -23.29
C PRO B 240 14.20 5.91 -23.19
N PRO B 241 15.11 4.93 -23.15
CA PRO B 241 14.67 3.54 -23.02
C PRO B 241 14.21 3.21 -21.60
N TYR B 242 13.17 2.38 -21.50
CA TYR B 242 12.74 1.89 -20.21
C TYR B 242 13.71 0.85 -19.68
N THR B 243 14.05 0.97 -18.40
CA THR B 243 14.94 0.04 -17.72
C THR B 243 14.33 -0.34 -16.38
N ALA B 244 14.78 -1.48 -15.84
CA ALA B 244 14.15 -2.00 -14.64
C ALA B 244 14.35 -1.07 -13.44
N GLY B 245 15.48 -0.34 -13.40
CA GLY B 245 15.77 0.59 -12.32
C GLY B 245 15.17 1.99 -12.42
N ALA B 246 15.48 2.72 -13.49
CA ALA B 246 14.98 4.08 -13.65
C ALA B 246 13.54 4.14 -14.14
N GLN B 247 13.08 3.13 -14.88
CA GLN B 247 11.66 2.97 -15.24
C GLN B 247 11.07 4.20 -15.94
N GLN B 248 11.84 4.79 -16.87
CA GLN B 248 11.34 5.94 -17.61
C GLN B 248 10.40 5.54 -18.76
N TYR B 249 9.32 6.31 -18.93
CA TYR B 249 8.43 6.28 -20.09
C TYR B 249 8.17 7.70 -20.58
N VAL B 250 7.51 7.84 -21.72
CA VAL B 250 7.10 9.17 -22.17
C VAL B 250 5.57 9.27 -22.17
N SER B 251 5.10 10.50 -22.20
CA SER B 251 3.68 10.79 -22.31
C SER B 251 3.38 11.21 -23.73
N LEU B 252 2.52 10.47 -24.41
CA LEU B 252 2.09 10.85 -25.75
C LEU B 252 0.75 11.58 -25.61
N ASP B 253 0.78 12.91 -25.72
CA ASP B 253 -0.45 13.67 -25.90
C ASP B 253 -0.14 14.87 -26.78
N LEU B 254 -0.98 15.91 -26.74
CA LEU B 254 -0.77 17.02 -27.64
C LEU B 254 0.46 17.84 -27.25
N ARG B 255 0.85 17.80 -25.98
CA ARG B 255 2.05 18.50 -25.53
C ARG B 255 3.27 17.74 -26.06
N PRO B 256 4.42 18.41 -26.18
CA PRO B 256 5.66 17.72 -26.56
C PRO B 256 5.97 16.61 -25.57
N LEU B 257 6.89 15.72 -25.92
CA LEU B 257 7.07 14.56 -25.06
C LEU B 257 7.52 15.00 -23.68
N GLU B 258 6.98 14.34 -22.66
CA GLU B 258 7.43 14.50 -21.29
C GLU B 258 7.91 13.15 -20.79
N VAL B 259 9.06 13.11 -20.14
CA VAL B 259 9.57 11.87 -19.57
C VAL B 259 9.01 11.74 -18.17
N ARG B 260 8.47 10.57 -17.86
CA ARG B 260 8.00 10.26 -16.52
C ARG B 260 8.72 9.01 -16.02
N ARG B 261 8.60 8.77 -14.73
CA ARG B 261 9.44 7.80 -14.05
C ARG B 261 8.51 6.92 -13.23
N GLY B 262 8.61 5.61 -13.44
CA GLY B 262 7.81 4.66 -12.69
C GLY B 262 6.43 4.49 -13.27
N LEU B 263 6.13 3.25 -13.65
CA LEU B 263 4.89 2.89 -14.35
C LEU B 263 3.90 2.26 -13.36
N ARG B 264 3.24 3.13 -12.60
CA ARG B 264 2.46 2.77 -11.42
C ARG B 264 3.23 1.81 -10.52
N ALA B 265 4.45 2.24 -10.17
CA ALA B 265 5.37 1.39 -9.41
C ALA B 265 4.75 0.84 -8.15
N GLN B 266 4.01 1.69 -7.41
CA GLN B 266 3.52 1.32 -6.09
C GLN B 266 2.41 0.28 -6.17
N ALA B 267 1.57 0.38 -7.20
CA ALA B 267 0.50 -0.59 -7.39
C ALA B 267 1.07 -1.90 -7.89
N CYS B 268 1.93 -1.82 -8.91
CA CYS B 268 2.39 -3.03 -9.57
C CYS B 268 3.26 -3.87 -8.65
N ALA B 269 3.78 -3.29 -7.57
CA ALA B 269 4.47 -4.10 -6.57
C ALA B 269 3.48 -5.04 -5.88
N PHE B 270 2.24 -4.59 -5.68
CA PHE B 270 1.23 -5.45 -5.09
C PHE B 270 0.85 -6.57 -6.04
N TRP B 271 0.54 -6.22 -7.28
CA TRP B 271 0.02 -7.22 -8.20
C TRP B 271 1.08 -8.22 -8.58
N ASN B 272 2.26 -7.74 -9.00
CA ASN B 272 3.31 -8.62 -9.51
C ASN B 272 4.16 -9.28 -8.43
N ARG B 273 4.27 -8.71 -7.24
CA ARG B 273 5.15 -9.35 -6.27
C ARG B 273 4.44 -9.88 -5.02
N PHE B 274 3.57 -9.09 -4.36
CA PHE B 274 3.03 -9.53 -3.08
C PHE B 274 1.82 -10.47 -3.24
N LEU B 275 0.86 -10.09 -4.09
CA LEU B 275 -0.33 -10.93 -4.31
C LEU B 275 0.02 -12.37 -4.59
N PRO B 276 0.92 -12.68 -5.54
CA PRO B 276 1.34 -14.07 -5.73
C PRO B 276 1.82 -14.76 -4.47
N LYS B 277 2.60 -14.07 -3.63
CA LYS B 277 3.05 -14.71 -2.39
C LYS B 277 1.88 -14.99 -1.45
N LEU B 278 0.80 -14.21 -1.57
CA LEU B 278 -0.32 -14.30 -0.63
C LEU B 278 -1.25 -15.44 -1.01
N LEU B 279 -1.60 -15.52 -2.30
CA LEU B 279 -2.35 -16.67 -2.82
C LEU B 279 -1.60 -17.98 -2.57
N SER B 280 -0.28 -17.93 -2.70
CA SER B 280 0.58 -19.09 -2.57
C SER B 280 0.79 -19.52 -1.11
N ALA B 281 0.53 -18.66 -0.13
CA ALA B 281 0.70 -19.03 1.27
C ALA B 281 -0.63 -19.15 2.00
N THR B 282 -1.74 -19.12 1.28
CA THR B 282 -3.07 -19.35 1.84
C THR B 282 -3.90 -20.27 0.91
N ASP C 4 4.92 31.66 53.56
CA ASP C 4 6.03 30.96 54.19
C ASP C 4 5.51 29.93 55.17
N ALA C 5 4.50 30.33 55.95
CA ALA C 5 3.78 29.37 56.77
C ALA C 5 3.06 28.34 55.92
N GLU C 6 2.88 28.62 54.63
CA GLU C 6 2.19 27.72 53.73
C GLU C 6 3.06 26.55 53.31
N LEU C 7 4.12 26.29 54.06
CA LEU C 7 5.05 25.19 53.80
C LEU C 7 4.96 24.09 54.85
N LEU C 8 4.08 24.22 55.85
CA LEU C 8 3.80 23.14 56.78
C LEU C 8 2.35 22.67 56.58
N VAL C 9 2.22 21.42 56.13
CA VAL C 9 0.96 20.80 55.74
C VAL C 9 0.87 19.42 56.37
N THR C 10 -0.35 19.03 56.75
CA THR C 10 -0.60 17.78 57.47
C THR C 10 -1.53 16.89 56.65
N VAL C 11 -1.01 15.76 56.18
CA VAL C 11 -1.82 14.79 55.46
C VAL C 11 -2.25 13.71 56.44
N ARG C 12 -3.06 12.77 55.95
CA ARG C 12 -3.69 11.81 56.86
C ARG C 12 -2.67 10.98 57.61
N GLY C 13 -1.47 10.80 57.04
CA GLY C 13 -0.43 10.02 57.68
C GLY C 13 0.50 10.79 58.61
N GLY C 14 0.39 12.12 58.68
CA GLY C 14 1.21 12.88 59.59
C GLY C 14 1.63 14.22 58.97
N ARG C 15 2.56 14.89 59.66
CA ARG C 15 2.95 16.24 59.29
C ARG C 15 4.00 16.23 58.19
N LEU C 16 3.98 17.28 57.35
CA LEU C 16 4.97 17.46 56.28
C LEU C 16 5.56 18.85 56.30
N ARG C 17 6.80 18.95 55.84
CA ARG C 17 7.55 20.20 55.77
C ARG C 17 8.03 20.34 54.33
N GLY C 18 7.49 21.33 53.60
CA GLY C 18 7.81 21.52 52.20
C GLY C 18 8.85 22.60 51.95
N ILE C 19 9.05 22.93 50.68
CA ILE C 19 10.08 23.85 50.24
C ILE C 19 9.51 24.80 49.20
N ARG C 20 9.90 26.08 49.27
CA ARG C 20 9.48 27.07 48.29
C ARG C 20 10.42 27.03 47.08
N LEU C 21 9.84 27.21 45.88
CA LEU C 21 10.54 27.05 44.60
C LEU C 21 10.41 28.30 43.74
N LYS C 22 11.42 28.53 42.90
CA LYS C 22 11.61 29.80 42.21
C LYS C 22 11.22 29.69 40.75
N THR C 23 10.41 30.63 40.27
CA THR C 23 10.06 30.78 38.87
C THR C 23 10.28 32.21 38.44
N PRO C 24 10.58 32.46 37.17
CA PRO C 24 10.62 33.85 36.69
C PRO C 24 9.32 34.60 36.92
N GLY C 25 8.18 33.90 36.90
CA GLY C 25 6.91 34.57 37.15
C GLY C 25 6.59 34.79 38.60
N GLY C 26 7.17 33.99 39.50
CA GLY C 26 6.88 34.06 40.92
C GLY C 26 6.95 32.69 41.53
N PRO C 27 6.85 32.58 42.85
CA PRO C 27 7.08 31.29 43.50
C PRO C 27 5.90 30.32 43.39
N VAL C 28 6.22 29.04 43.55
CA VAL C 28 5.27 27.99 43.90
C VAL C 28 5.83 27.29 45.13
N SER C 29 5.00 26.52 45.81
CA SER C 29 5.46 25.78 46.97
C SER C 29 5.25 24.29 46.73
N ALA C 30 6.26 23.49 47.06
CA ALA C 30 6.41 22.11 46.61
C ALA C 30 6.74 21.20 47.78
N PHE C 31 6.16 19.99 47.75
CA PHE C 31 6.39 18.95 48.77
C PHE C 31 6.91 17.71 48.06
N LEU C 32 8.20 17.44 48.21
CA LEU C 32 8.88 16.44 47.42
C LEU C 32 9.27 15.24 48.27
N GLY C 33 8.92 14.05 47.78
CA GLY C 33 9.29 12.80 48.44
C GLY C 33 8.39 12.47 49.61
N ILE C 34 7.09 12.55 49.40
CA ILE C 34 6.11 12.14 50.41
C ILE C 34 5.98 10.62 50.36
N PRO C 35 6.13 9.93 51.46
CA PRO C 35 5.98 8.47 51.46
C PRO C 35 4.53 8.01 51.34
N PHE C 36 4.16 7.42 50.21
CA PHE C 36 2.80 6.91 50.03
C PHE C 36 2.69 5.39 50.13
N ALA C 37 3.79 4.68 50.38
CA ALA C 37 3.73 3.24 50.59
C ALA C 37 4.80 2.82 51.58
N GLU C 38 4.51 1.76 52.32
CA GLU C 38 5.57 1.10 53.08
C GLU C 38 6.56 0.51 52.08
N PRO C 39 7.87 0.66 52.33
CA PRO C 39 8.86 0.39 51.28
C PRO C 39 8.83 -1.05 50.84
N PRO C 40 8.76 -1.31 49.53
CA PRO C 40 8.50 -2.67 49.00
C PRO C 40 9.76 -3.51 48.85
N MET C 41 10.22 -4.11 49.94
CA MET C 41 11.49 -4.81 49.89
C MET C 41 11.56 -6.00 50.83
N GLY C 42 12.64 -6.76 50.68
CA GLY C 42 12.78 -8.02 51.37
C GLY C 42 11.70 -8.97 50.94
N PRO C 43 10.83 -9.36 51.88
CA PRO C 43 9.69 -10.22 51.52
C PRO C 43 8.67 -9.52 50.67
N ARG C 44 8.64 -8.19 50.67
CA ARG C 44 7.68 -7.40 49.92
C ARG C 44 8.13 -7.13 48.50
N ARG C 45 9.27 -7.69 48.10
CA ARG C 45 9.66 -7.61 46.69
C ARG C 45 8.70 -8.46 45.85
N PHE C 46 8.13 -7.84 44.81
CA PHE C 46 7.22 -8.39 43.80
C PHE C 46 5.75 -8.37 44.22
N LEU C 47 5.43 -8.02 45.57
CA LEU C 47 4.11 -7.99 46.17
C LEU C 47 3.44 -6.64 45.93
N PRO C 48 2.11 -6.63 45.92
CA PRO C 48 1.41 -5.36 45.75
C PRO C 48 1.73 -4.41 46.90
N PRO C 49 1.65 -3.10 46.66
CA PRO C 49 2.09 -2.15 47.68
C PRO C 49 1.10 -2.05 48.82
N GLU C 50 1.64 -1.81 50.05
CA GLU C 50 0.81 -1.53 51.21
C GLU C 50 0.80 -0.04 51.52
N PRO C 51 -0.29 0.50 52.05
CA PRO C 51 -0.30 1.93 52.41
C PRO C 51 0.65 2.24 53.55
N LYS C 52 1.34 3.38 53.43
CA LYS C 52 2.31 3.83 54.42
C LYS C 52 1.65 4.02 55.78
N GLN C 53 2.12 3.27 56.77
CA GLN C 53 1.64 3.46 58.13
C GLN C 53 1.98 4.88 58.58
N PRO C 54 1.14 5.50 59.42
CA PRO C 54 1.37 6.91 59.74
C PRO C 54 2.58 7.10 60.64
N TRP C 55 3.04 8.35 60.69
CA TRP C 55 4.32 8.70 61.28
C TRP C 55 4.18 9.84 62.27
N SER C 56 4.93 9.76 63.35
CA SER C 56 5.09 10.90 64.25
C SER C 56 6.20 11.80 63.74
N GLY C 57 6.11 13.08 64.06
CA GLY C 57 7.09 14.04 63.60
C GLY C 57 6.77 14.60 62.23
N VAL C 58 7.71 15.38 61.71
CA VAL C 58 7.58 16.03 60.41
C VAL C 58 8.48 15.32 59.41
N VAL C 59 7.89 14.86 58.31
CA VAL C 59 8.65 14.24 57.23
C VAL C 59 9.31 15.34 56.41
N ASP C 60 10.61 15.22 56.20
CA ASP C 60 11.33 16.16 55.35
C ASP C 60 10.90 15.96 53.89
N ALA C 61 10.04 16.85 53.40
CA ALA C 61 9.55 16.79 52.03
C ALA C 61 10.14 17.91 51.19
N THR C 62 11.44 18.17 51.33
CA THR C 62 12.07 19.28 50.65
C THR C 62 12.98 18.83 49.51
N THR C 63 13.31 17.56 49.45
CA THR C 63 14.10 17.02 48.37
C THR C 63 13.41 15.79 47.78
N PHE C 64 13.80 15.45 46.56
CA PHE C 64 13.31 14.23 45.93
C PHE C 64 13.84 12.99 46.65
N GLN C 65 13.05 11.92 46.60
CA GLN C 65 13.42 10.65 47.20
C GLN C 65 14.04 9.78 46.13
N SER C 66 14.42 8.56 46.51
CA SER C 66 15.23 7.71 45.65
C SER C 66 14.49 7.40 44.34
N VAL C 67 15.24 6.90 43.37
CA VAL C 67 14.70 6.47 42.08
C VAL C 67 14.54 4.96 42.10
N CYS C 68 13.40 4.46 41.63
CA CYS C 68 13.17 3.02 41.65
C CYS C 68 14.24 2.29 40.85
N TYR C 69 14.60 1.11 41.35
CA TYR C 69 15.72 0.37 40.78
C TYR C 69 15.50 0.08 39.30
N GLN C 70 16.47 0.44 38.47
CA GLN C 70 16.24 0.35 37.05
C GLN C 70 17.57 0.27 36.30
N TYR C 71 17.50 -0.24 35.06
CA TYR C 71 18.63 -0.21 34.14
C TYR C 71 19.02 1.23 33.85
N VAL C 72 20.32 1.43 33.64
CA VAL C 72 20.89 2.75 33.39
C VAL C 72 21.55 2.74 32.02
N ASP C 73 21.15 3.69 31.16
CA ASP C 73 21.61 3.76 29.78
C ASP C 73 23.09 4.13 29.71
N THR C 74 23.84 3.28 29.03
CA THR C 74 25.27 3.47 28.86
C THR C 74 25.64 3.54 27.39
N LEU C 75 24.66 3.70 26.51
CA LEU C 75 24.93 3.70 25.08
C LEU C 75 25.85 4.85 24.67
N TYR C 76 25.46 6.08 25.02
CA TYR C 76 26.18 7.30 24.64
C TYR C 76 26.62 8.03 25.90
N PRO C 77 27.73 7.61 26.52
CA PRO C 77 28.11 8.18 27.83
C PRO C 77 28.34 9.69 27.79
N GLY C 78 27.66 10.40 28.67
CA GLY C 78 27.78 11.84 28.77
C GLY C 78 26.84 12.62 27.87
N PHE C 79 26.35 12.00 26.81
CA PHE C 79 25.44 12.65 25.87
C PHE C 79 24.21 13.20 26.59
N GLU C 80 23.90 14.48 26.36
CA GLU C 80 22.72 15.07 27.00
C GLU C 80 21.44 14.32 26.63
N GLY C 81 21.24 14.06 25.33
CA GLY C 81 19.99 13.44 24.91
C GLY C 81 19.79 12.07 25.53
N THR C 82 20.86 11.29 25.67
CA THR C 82 20.78 10.03 26.39
C THR C 82 20.53 10.27 27.87
N GLU C 83 21.38 11.09 28.50
CA GLU C 83 21.46 11.19 29.96
C GLU C 83 20.25 11.88 30.57
N MET C 84 19.55 12.75 29.83
CA MET C 84 18.47 13.51 30.43
C MET C 84 17.37 12.61 31.01
N TRP C 85 17.33 11.33 30.60
CA TRP C 85 16.36 10.33 31.05
C TRP C 85 16.92 9.40 32.13
N ASN C 86 18.23 9.40 32.33
CA ASN C 86 18.89 8.56 33.31
C ASN C 86 18.60 9.02 34.73
N PRO C 87 18.63 8.09 35.70
CA PRO C 87 18.23 8.43 37.07
C PRO C 87 19.09 9.54 37.63
N ASN C 88 18.45 10.46 38.35
CA ASN C 88 19.16 11.57 38.99
C ASN C 88 19.02 11.53 40.51
N ARG C 89 18.86 10.34 41.10
CA ARG C 89 18.97 10.10 42.53
C ARG C 89 19.55 8.70 42.71
N GLU C 90 19.89 8.36 43.96
CA GLU C 90 20.25 6.98 44.28
C GLU C 90 19.18 6.01 43.76
N LEU C 91 19.64 4.87 43.26
CA LEU C 91 18.72 3.75 43.09
C LEU C 91 18.43 3.14 44.44
N SER C 92 17.17 2.80 44.66
CA SER C 92 16.77 1.98 45.79
C SER C 92 15.43 1.33 45.47
N GLU C 93 15.21 0.15 46.05
CA GLU C 93 13.87 -0.42 46.04
C GLU C 93 12.95 0.38 46.94
N ASP C 94 13.54 1.11 47.91
CA ASP C 94 12.82 2.03 48.78
C ASP C 94 12.57 3.28 47.95
N CYS C 95 11.43 3.31 47.24
CA CYS C 95 11.25 4.34 46.23
C CYS C 95 9.81 4.81 46.08
N LEU C 96 8.88 4.37 46.93
CA LEU C 96 7.46 4.68 46.71
C LEU C 96 7.15 5.99 47.40
N TYR C 97 7.41 7.07 46.67
CA TYR C 97 7.26 8.43 47.15
C TYR C 97 6.61 9.22 46.03
N LEU C 98 5.89 10.29 46.40
CA LEU C 98 5.25 11.17 45.43
C LEU C 98 5.51 12.62 45.78
N ASN C 99 5.20 13.49 44.83
CA ASN C 99 5.52 14.92 44.91
C ASN C 99 4.28 15.76 44.59
N VAL C 100 4.16 16.91 45.27
CA VAL C 100 3.03 17.82 45.10
C VAL C 100 3.54 19.24 44.91
N TRP C 101 3.20 19.86 43.78
CA TRP C 101 3.37 21.29 43.55
C TRP C 101 2.02 21.97 43.68
N THR C 102 2.01 23.17 44.27
CA THR C 102 0.79 23.95 44.44
C THR C 102 1.15 25.43 44.40
N PRO C 103 0.26 26.30 43.92
CA PRO C 103 0.61 27.72 43.76
C PRO C 103 0.91 28.40 45.10
N TYR C 104 1.85 29.36 45.09
CA TYR C 104 2.36 29.83 46.38
C TYR C 104 1.28 30.43 47.25
N PRO C 105 0.53 31.43 46.82
CA PRO C 105 -0.67 31.75 47.59
C PRO C 105 -1.65 30.62 47.29
N ARG C 106 -1.88 29.77 48.28
CA ARG C 106 -2.63 28.56 48.04
C ARG C 106 -4.02 28.92 47.54
N PRO C 107 -4.51 28.24 46.51
CA PRO C 107 -5.83 28.58 45.98
C PRO C 107 -6.90 28.46 47.05
N THR C 108 -7.73 29.50 47.12
CA THR C 108 -8.70 29.60 48.18
C THR C 108 -9.93 28.75 47.90
N SER C 109 -10.09 28.31 46.66
CA SER C 109 -11.19 27.48 46.19
C SER C 109 -10.62 26.25 45.51
N PRO C 110 -11.39 25.15 45.46
CA PRO C 110 -10.88 23.93 44.85
C PRO C 110 -10.39 24.19 43.43
N THR C 111 -9.29 23.52 43.07
CA THR C 111 -8.62 23.76 41.80
C THR C 111 -8.19 22.40 41.27
N PRO C 112 -8.36 22.16 39.97
CA PRO C 112 -8.15 20.82 39.43
C PRO C 112 -6.73 20.34 39.62
N VAL C 113 -6.57 19.02 39.60
CA VAL C 113 -5.29 18.38 39.90
C VAL C 113 -4.80 17.65 38.67
N LEU C 114 -3.58 17.95 38.25
CA LEU C 114 -2.89 17.26 37.18
C LEU C 114 -1.97 16.22 37.78
N VAL C 115 -2.06 14.99 37.32
CA VAL C 115 -1.25 13.92 37.87
C VAL C 115 -0.44 13.34 36.74
N TRP C 116 0.90 13.37 36.89
CA TRP C 116 1.85 12.93 35.88
C TRP C 116 2.34 11.51 36.18
N ILE C 117 2.27 10.64 35.17
CA ILE C 117 2.85 9.30 35.20
C ILE C 117 3.97 9.28 34.16
N TYR C 118 5.19 8.91 34.59
CA TYR C 118 6.33 9.02 33.68
C TYR C 118 6.44 7.81 32.76
N GLY C 119 7.19 8.00 31.69
CA GLY C 119 7.36 7.00 30.66
C GLY C 119 8.71 6.31 30.70
N GLY C 120 9.11 5.78 29.54
CA GLY C 120 10.31 4.98 29.45
C GLY C 120 10.07 3.48 29.58
N GLY C 121 9.15 2.95 28.73
CA GLY C 121 8.96 1.52 28.49
C GLY C 121 8.83 0.56 29.66
N PHE C 122 8.38 1.05 30.81
CA PHE C 122 8.14 0.27 32.02
C PHE C 122 9.40 -0.35 32.61
N TYR C 123 10.60 0.01 32.15
CA TYR C 123 11.82 -0.53 32.72
C TYR C 123 12.69 0.54 33.36
N SER C 124 12.15 1.76 33.52
CA SER C 124 12.95 2.94 33.83
C SER C 124 12.04 4.15 33.98
N GLY C 125 12.62 5.26 34.45
CA GLY C 125 11.94 6.51 34.69
C GLY C 125 11.90 6.86 36.18
N ALA C 126 11.64 8.14 36.44
CA ALA C 126 11.55 8.68 37.80
C ALA C 126 10.90 10.05 37.75
N SER C 127 10.13 10.37 38.81
CA SER C 127 9.41 11.63 38.96
C SER C 127 10.31 12.84 39.15
N SER C 128 11.62 12.62 39.32
CA SER C 128 12.57 13.65 39.72
C SER C 128 13.42 14.17 38.56
N LEU C 129 13.29 13.57 37.38
CA LEU C 129 13.94 14.09 36.17
C LEU C 129 13.62 15.57 36.01
N ASP C 130 14.59 16.33 35.49
CA ASP C 130 14.37 17.77 35.37
C ASP C 130 13.29 18.11 34.36
N VAL C 131 13.10 17.29 33.32
CA VAL C 131 12.10 17.62 32.32
C VAL C 131 10.69 17.64 32.94
N TYR C 132 10.49 16.87 34.03
CA TYR C 132 9.18 16.66 34.64
C TYR C 132 8.87 17.67 35.74
N ASP C 133 9.72 18.70 35.89
CA ASP C 133 9.59 19.71 36.92
C ASP C 133 8.25 20.45 36.82
N GLY C 134 7.52 20.50 37.94
CA GLY C 134 6.21 21.11 37.88
C GLY C 134 6.07 22.58 38.26
N ARG C 135 7.17 23.28 38.57
CA ARG C 135 7.05 24.65 39.06
C ARG C 135 6.38 25.56 38.03
N PHE C 136 6.73 25.42 36.75
CA PHE C 136 6.27 26.38 35.75
C PHE C 136 4.80 26.18 35.42
N LEU C 137 4.39 24.92 35.23
CA LEU C 137 2.98 24.59 35.05
C LEU C 137 2.11 25.13 36.18
N VAL C 138 2.53 24.90 37.43
CA VAL C 138 1.75 25.33 38.57
C VAL C 138 1.79 26.85 38.76
N GLN C 139 2.86 27.52 38.32
CA GLN C 139 2.92 28.98 38.46
C GLN C 139 2.13 29.69 37.38
N ALA C 140 2.17 29.17 36.16
CA ALA C 140 1.60 29.88 35.02
C ALA C 140 0.11 29.64 34.89
N GLU C 141 -0.39 28.49 35.36
CA GLU C 141 -1.79 28.14 35.22
C GLU C 141 -2.50 27.84 36.53
N ARG C 142 -1.79 27.82 37.65
CA ARG C 142 -2.38 27.65 38.98
C ARG C 142 -3.31 26.42 39.02
N THR C 143 -2.71 25.26 38.81
CA THR C 143 -3.33 23.97 39.11
C THR C 143 -2.43 23.24 40.10
N VAL C 144 -2.99 22.29 40.83
CA VAL C 144 -2.16 21.39 41.59
C VAL C 144 -1.57 20.34 40.67
N LEU C 145 -0.27 20.03 40.84
CA LEU C 145 0.41 18.98 40.11
C LEU C 145 0.87 17.90 41.08
N VAL C 146 0.64 16.63 40.72
CA VAL C 146 1.18 15.50 41.46
C VAL C 146 1.92 14.60 40.49
N SER C 147 3.13 14.18 40.85
CA SER C 147 3.82 13.10 40.18
C SER C 147 4.16 12.02 41.21
N MET C 148 4.36 10.81 40.73
CA MET C 148 4.64 9.66 41.59
C MET C 148 5.82 8.86 41.04
N ASN C 149 6.32 7.96 41.86
CA ASN C 149 7.28 6.97 41.44
C ASN C 149 6.63 5.61 41.55
N TYR C 150 6.76 4.78 40.53
CA TYR C 150 6.25 3.42 40.57
C TYR C 150 7.37 2.44 40.25
N ARG C 151 7.20 1.20 40.71
CA ARG C 151 8.20 0.15 40.49
C ARG C 151 8.28 -0.17 39.00
N VAL C 152 9.50 -0.38 38.51
CA VAL C 152 9.73 -0.63 37.09
C VAL C 152 10.55 -1.90 36.93
N GLY C 153 10.64 -2.35 35.68
CA GLY C 153 11.29 -3.60 35.31
C GLY C 153 10.72 -4.77 36.07
N ALA C 154 11.56 -5.77 36.32
CA ALA C 154 11.10 -6.92 37.09
C ALA C 154 10.54 -6.50 38.45
N PHE C 155 11.01 -5.40 39.01
CA PHE C 155 10.58 -5.02 40.35
C PHE C 155 9.12 -4.63 40.40
N GLY C 156 8.54 -4.20 39.30
CA GLY C 156 7.15 -3.84 39.28
C GLY C 156 6.36 -4.62 38.26
N PHE C 157 6.98 -5.57 37.54
CA PHE C 157 6.17 -6.21 36.51
C PHE C 157 6.47 -7.69 36.26
N LEU C 158 7.49 -8.25 36.90
CA LEU C 158 7.67 -9.70 36.84
C LEU C 158 6.40 -10.36 37.37
N ALA C 159 5.90 -11.33 36.62
CA ALA C 159 4.63 -11.94 36.97
C ALA C 159 4.74 -13.44 36.80
N LEU C 160 4.25 -14.16 37.80
CA LEU C 160 4.03 -15.60 37.71
C LEU C 160 2.53 -15.75 37.84
N PRO C 161 1.77 -15.54 36.76
CA PRO C 161 0.32 -15.37 36.91
C PRO C 161 -0.24 -16.59 37.59
N GLY C 162 -1.02 -16.36 38.65
CA GLY C 162 -1.57 -17.40 39.47
C GLY C 162 -0.98 -17.46 40.85
N SER C 163 0.23 -16.94 41.05
CA SER C 163 0.89 -17.05 42.34
C SER C 163 0.56 -15.85 43.20
N ARG C 164 0.34 -16.10 44.49
CA ARG C 164 0.15 -15.00 45.43
C ARG C 164 1.44 -14.23 45.67
N GLU C 165 2.57 -14.71 45.12
CA GLU C 165 3.92 -14.21 45.38
C GLU C 165 4.41 -13.20 44.34
N ALA C 166 4.08 -13.42 43.07
CA ALA C 166 4.35 -12.45 42.01
C ALA C 166 3.09 -12.25 41.18
N PRO C 167 2.10 -11.53 41.73
CA PRO C 167 0.83 -11.36 41.00
C PRO C 167 0.97 -10.65 39.69
N GLY C 168 2.00 -9.86 39.48
CA GLY C 168 2.08 -9.05 38.29
C GLY C 168 1.37 -7.72 38.48
N ASN C 169 1.65 -6.80 37.58
CA ASN C 169 1.08 -5.44 37.63
C ASN C 169 1.27 -4.75 38.97
N VAL C 170 2.25 -5.13 39.80
CA VAL C 170 2.36 -4.41 41.05
C VAL C 170 2.87 -2.99 40.81
N GLY C 171 3.52 -2.74 39.68
CA GLY C 171 3.91 -1.37 39.38
C GLY C 171 2.71 -0.51 39.06
N LEU C 172 1.68 -1.11 38.46
CA LEU C 172 0.43 -0.40 38.19
C LEU C 172 -0.35 -0.15 39.46
N LEU C 173 -0.36 -1.13 40.38
CA LEU C 173 -0.98 -0.91 41.68
C LEU C 173 -0.28 0.19 42.45
N ASP C 174 1.03 0.35 42.26
CA ASP C 174 1.73 1.47 42.87
C ASP C 174 1.11 2.79 42.43
N GLN C 175 0.95 2.97 41.13
CA GLN C 175 0.27 4.16 40.61
C GLN C 175 -1.12 4.31 41.21
N ARG C 176 -1.86 3.20 41.31
CA ARG C 176 -3.21 3.27 41.86
C ARG C 176 -3.20 3.73 43.31
N LEU C 177 -2.33 3.14 44.13
CA LEU C 177 -2.16 3.61 45.51
C LEU C 177 -1.88 5.11 45.59
N ALA C 178 -1.12 5.63 44.61
CA ALA C 178 -0.86 7.07 44.58
C ALA C 178 -2.12 7.85 44.28
N LEU C 179 -2.98 7.31 43.40
CA LEU C 179 -4.22 8.00 43.07
C LEU C 179 -5.17 7.99 44.26
N GLN C 180 -5.25 6.86 44.97
CA GLN C 180 -5.99 6.85 46.22
C GLN C 180 -5.45 7.90 47.18
N TRP C 181 -4.13 8.09 47.20
CA TRP C 181 -3.56 9.09 48.06
C TRP C 181 -4.00 10.48 47.65
N VAL C 182 -4.01 10.78 46.35
CA VAL C 182 -4.54 12.04 45.86
C VAL C 182 -5.99 12.24 46.30
N GLN C 183 -6.80 11.18 46.26
CA GLN C 183 -8.20 11.34 46.64
C GLN C 183 -8.33 11.69 48.12
N GLU C 184 -7.46 11.16 48.97
CA GLU C 184 -7.60 11.42 50.39
C GLU C 184 -7.01 12.78 50.77
N ASN C 185 -5.89 13.18 50.15
CA ASN C 185 -5.12 14.28 50.71
C ASN C 185 -4.92 15.49 49.80
N VAL C 186 -5.30 15.44 48.52
CA VAL C 186 -4.97 16.59 47.68
C VAL C 186 -5.71 17.85 48.13
N ALA C 187 -6.83 17.71 48.86
CA ALA C 187 -7.50 18.89 49.37
C ALA C 187 -6.66 19.64 50.39
N ALA C 188 -5.72 18.96 51.07
CA ALA C 188 -4.82 19.67 51.97
C ALA C 188 -3.95 20.69 51.23
N PHE C 189 -3.85 20.59 49.92
CA PHE C 189 -3.01 21.50 49.13
C PHE C 189 -3.84 22.42 48.26
N GLY C 190 -5.16 22.43 48.43
CA GLY C 190 -6.02 23.27 47.61
C GLY C 190 -6.58 22.59 46.38
N GLY C 191 -6.44 21.27 46.28
CA GLY C 191 -6.87 20.54 45.12
C GLY C 191 -8.24 19.91 45.28
N ASP C 192 -8.92 19.77 44.15
CA ASP C 192 -10.27 19.24 44.11
C ASP C 192 -10.24 17.74 43.79
N PRO C 193 -10.57 16.86 44.74
CA PRO C 193 -10.55 15.42 44.42
C PRO C 193 -11.54 15.05 43.34
N THR C 194 -12.57 15.87 43.11
CA THR C 194 -13.56 15.61 42.06
C THR C 194 -13.17 16.23 40.71
N SER C 195 -11.91 16.59 40.50
CA SER C 195 -11.52 17.07 39.17
C SER C 195 -10.05 16.78 38.87
N VAL C 196 -9.70 15.48 38.82
CA VAL C 196 -8.33 15.01 38.58
C VAL C 196 -8.17 14.62 37.12
N THR C 197 -7.09 15.09 36.48
CA THR C 197 -6.75 14.76 35.10
C THR C 197 -5.42 14.03 35.05
N LEU C 198 -5.44 12.77 34.62
CA LEU C 198 -4.20 12.01 34.42
C LEU C 198 -3.47 12.49 33.17
N PHE C 199 -2.13 12.61 33.25
CA PHE C 199 -1.38 12.81 32.00
C PHE C 199 -0.06 12.06 32.05
N GLY C 200 0.38 11.57 30.89
CA GLY C 200 1.50 10.66 30.78
C GLY C 200 2.04 10.57 29.37
N GLU C 201 3.26 10.05 29.25
CA GLU C 201 3.94 9.91 27.98
C GLU C 201 4.55 8.52 27.87
N SER C 202 4.65 8.00 26.64
CA SER C 202 5.24 6.68 26.33
C SER C 202 4.54 5.65 27.22
N ALA C 203 5.27 4.83 27.99
CA ALA C 203 4.68 3.91 28.94
C ALA C 203 3.76 4.61 29.93
N GLY C 204 3.94 5.90 30.15
CA GLY C 204 3.05 6.62 31.03
C GLY C 204 1.71 6.85 30.38
N ALA C 205 1.69 7.12 29.08
CA ALA C 205 0.43 7.19 28.38
C ALA C 205 -0.24 5.81 28.36
N ALA C 206 0.54 4.76 28.13
CA ALA C 206 0.01 3.41 28.24
C ALA C 206 -0.64 3.18 29.59
N SER C 207 0.02 3.63 30.66
CA SER C 207 -0.52 3.47 32.01
C SER C 207 -1.83 4.22 32.17
N VAL C 208 -1.86 5.50 31.78
CA VAL C 208 -3.10 6.27 31.83
C VAL C 208 -4.22 5.47 31.19
N GLY C 209 -4.02 5.07 29.94
CA GLY C 209 -4.98 4.22 29.25
C GLY C 209 -5.40 3.01 30.07
N MET C 210 -4.45 2.31 30.66
CA MET C 210 -4.83 1.14 31.43
C MET C 210 -5.67 1.53 32.65
N HIS C 211 -5.53 2.75 33.14
CA HIS C 211 -6.41 3.15 34.23
C HIS C 211 -7.81 3.46 33.72
N LEU C 212 -7.94 3.87 32.46
CA LEU C 212 -9.26 4.02 31.86
C LEU C 212 -9.97 2.68 31.74
N LEU C 213 -9.23 1.57 31.79
CA LEU C 213 -9.76 0.24 31.52
C LEU C 213 -9.79 -0.66 32.74
N SER C 214 -9.24 -0.22 33.86
CA SER C 214 -9.42 -0.96 35.10
C SER C 214 -10.47 -0.27 35.94
N PRO C 215 -11.62 -0.91 36.17
CA PRO C 215 -12.72 -0.24 36.89
C PRO C 215 -12.27 0.37 38.21
N PRO C 216 -11.50 -0.34 39.05
CA PRO C 216 -11.17 0.24 40.36
C PRO C 216 -10.35 1.50 40.30
N SER C 217 -9.75 1.85 39.17
CA SER C 217 -9.09 3.15 39.10
C SER C 217 -9.99 4.22 38.50
N ARG C 218 -11.21 3.87 38.09
CA ARG C 218 -12.00 4.85 37.34
C ARG C 218 -12.66 5.89 38.22
N GLY C 219 -12.77 5.64 39.53
CA GLY C 219 -13.26 6.69 40.39
C GLY C 219 -12.20 7.65 40.88
N LEU C 220 -10.95 7.45 40.50
CA LEU C 220 -9.85 8.22 41.05
C LEU C 220 -9.42 9.36 40.13
N PHE C 221 -10.10 9.54 39.00
CA PHE C 221 -9.77 10.60 38.07
C PHE C 221 -10.99 10.81 37.17
N HIS C 222 -10.93 11.81 36.31
CA HIS C 222 -12.08 12.23 35.51
C HIS C 222 -11.75 12.58 34.07
N ARG C 223 -10.51 12.93 33.78
CA ARG C 223 -10.06 13.22 32.42
C ARG C 223 -8.72 12.55 32.23
N ALA C 224 -8.31 12.42 30.98
CA ALA C 224 -7.09 11.70 30.65
C ALA C 224 -6.48 12.32 29.40
N VAL C 225 -5.17 12.56 29.46
CA VAL C 225 -4.39 12.88 28.27
C VAL C 225 -3.25 11.87 28.10
N LEU C 226 -3.17 11.30 26.89
CA LEU C 226 -2.21 10.26 26.50
C LEU C 226 -1.30 10.79 25.41
N GLN C 227 -0.01 10.99 25.75
CA GLN C 227 0.98 11.58 24.84
C GLN C 227 1.88 10.46 24.29
N SER C 228 1.73 10.14 23.00
CA SER C 228 2.60 9.17 22.32
C SER C 228 2.64 7.84 23.06
N GLY C 229 1.47 7.26 23.24
CA GLY C 229 1.40 5.96 23.88
C GLY C 229 -0.05 5.59 24.03
N ALA C 230 -0.28 4.29 24.24
CA ALA C 230 -1.65 3.76 24.31
C ALA C 230 -1.62 2.36 24.92
N PRO C 231 -2.65 1.96 25.67
CA PRO C 231 -2.59 0.65 26.36
C PRO C 231 -2.67 -0.52 25.43
N ASN C 232 -3.27 -0.34 24.25
CA ASN C 232 -3.47 -1.42 23.30
C ASN C 232 -2.22 -1.75 22.48
N GLY C 233 -1.26 -0.83 22.32
CA GLY C 233 -0.14 -1.09 21.43
C GLY C 233 0.57 -2.45 21.59
N PRO C 234 1.46 -2.80 20.65
CA PRO C 234 2.08 -4.14 20.66
C PRO C 234 3.11 -4.36 21.77
N TRP C 235 3.50 -3.32 22.49
CA TRP C 235 4.59 -3.44 23.44
C TRP C 235 4.18 -3.30 24.90
N ALA C 236 2.96 -2.84 25.20
CA ALA C 236 2.61 -2.49 26.58
C ALA C 236 2.01 -3.66 27.34
N THR C 237 1.74 -4.79 26.71
CA THR C 237 1.13 -5.90 27.42
C THR C 237 1.74 -7.22 26.96
N VAL C 238 1.64 -8.23 27.83
CA VAL C 238 1.99 -9.61 27.50
C VAL C 238 0.95 -10.54 28.10
N GLY C 239 0.82 -11.73 27.51
CA GLY C 239 -0.10 -12.70 28.05
C GLY C 239 0.46 -13.43 29.24
N MET C 240 -0.41 -14.09 30.01
CA MET C 240 0.04 -14.77 31.21
C MET C 240 1.09 -15.83 30.92
N GLY C 241 1.02 -16.46 29.74
CA GLY C 241 1.97 -17.52 29.43
C GLY C 241 3.34 -16.99 29.03
N GLU C 242 3.38 -15.85 28.35
CA GLU C 242 4.64 -15.20 28.07
C GLU C 242 5.25 -14.64 29.34
N ALA C 243 4.43 -14.14 30.26
CA ALA C 243 4.96 -13.61 31.50
C ALA C 243 5.64 -14.69 32.34
N ARG C 244 5.16 -15.94 32.27
CA ARG C 244 5.88 -17.03 32.92
C ARG C 244 7.18 -17.33 32.21
N ARG C 245 7.08 -17.55 30.91
CA ARG C 245 8.24 -17.80 30.08
C ARG C 245 9.33 -16.77 30.38
N ARG C 246 8.96 -15.49 30.45
CA ARG C 246 9.95 -14.46 30.69
C ARG C 246 10.37 -14.38 32.15
N ALA C 247 9.49 -14.70 33.08
CA ALA C 247 9.87 -14.63 34.48
C ALA C 247 10.67 -15.86 34.88
N THR C 248 10.31 -17.03 34.38
CA THR C 248 11.10 -18.20 34.77
C THR C 248 12.47 -18.18 34.11
N GLN C 249 12.60 -17.57 32.93
CA GLN C 249 13.92 -17.49 32.30
C GLN C 249 14.85 -16.62 33.13
N LEU C 250 14.37 -15.47 33.60
CA LEU C 250 15.15 -14.65 34.51
C LEU C 250 15.62 -15.46 35.72
N ALA C 251 14.70 -16.17 36.37
CA ALA C 251 15.09 -17.03 37.49
C ALA C 251 16.21 -18.00 37.12
N HIS C 252 16.18 -18.54 35.91
CA HIS C 252 17.20 -19.52 35.50
C HIS C 252 18.52 -18.83 35.17
N LEU C 253 18.46 -17.68 34.49
CA LEU C 253 19.67 -16.90 34.21
C LEU C 253 20.36 -16.41 35.48
N VAL C 254 19.71 -16.50 36.63
CA VAL C 254 20.24 -16.03 37.91
C VAL C 254 20.49 -17.18 38.88
N GLY C 255 20.27 -18.43 38.47
CA GLY C 255 20.56 -19.59 39.27
C GLY C 255 19.42 -20.12 40.11
N CYS C 256 18.25 -19.56 39.96
CA CYS C 256 17.13 -19.95 40.82
C CYS C 256 16.49 -21.23 40.28
N PRO C 257 16.18 -22.21 41.16
CA PRO C 257 16.29 -23.63 40.84
C PRO C 257 17.46 -23.97 39.93
N ASN D 4 6.42 -25.41 43.49
CA ASN D 4 7.60 -24.89 42.82
C ASN D 4 7.54 -23.37 42.61
N ASP D 5 6.35 -22.79 42.39
CA ASP D 5 6.26 -21.35 42.16
C ASP D 5 6.74 -20.56 43.37
N THR D 6 6.21 -20.86 44.55
CA THR D 6 6.66 -20.17 45.75
C THR D 6 8.15 -20.38 45.97
N GLU D 7 8.64 -21.59 45.69
CA GLU D 7 10.06 -21.89 45.77
C GLU D 7 10.87 -20.99 44.85
N LEU D 8 10.37 -20.73 43.65
CA LEU D 8 11.13 -19.99 42.66
C LEU D 8 11.21 -18.51 43.01
N VAL D 9 10.12 -17.94 43.55
CA VAL D 9 10.12 -16.51 43.82
C VAL D 9 10.98 -16.19 45.04
N ALA D 10 10.92 -17.04 46.07
CA ALA D 10 11.77 -16.84 47.23
C ALA D 10 13.24 -16.70 46.82
N CYS D 11 13.69 -17.53 45.89
CA CYS D 11 15.07 -17.44 45.43
C CYS D 11 15.33 -16.12 44.71
N LEU D 12 14.41 -15.68 43.86
CA LEU D 12 14.57 -14.36 43.25
C LEU D 12 14.63 -13.27 44.32
N ARG D 13 13.90 -13.45 45.42
CA ARG D 13 13.87 -12.44 46.48
C ARG D 13 15.14 -12.42 47.32
N THR D 14 15.99 -13.44 47.23
CA THR D 14 17.30 -13.37 47.88
C THR D 14 18.36 -12.74 46.98
N ARG D 15 18.23 -12.86 45.67
CA ARG D 15 19.21 -12.31 44.75
C ARG D 15 19.29 -10.79 44.89
N PRO D 16 20.48 -10.19 44.81
CA PRO D 16 20.58 -8.73 44.86
C PRO D 16 19.89 -8.08 43.67
N ALA D 17 19.58 -6.78 43.84
CA ALA D 17 18.73 -6.11 42.86
C ALA D 17 19.48 -5.79 41.57
N GLN D 18 20.80 -5.58 41.63
CA GLN D 18 21.45 -5.20 40.39
C GLN D 18 21.61 -6.41 39.46
N VAL D 19 21.70 -7.63 39.98
CA VAL D 19 21.83 -8.76 39.07
C VAL D 19 20.54 -8.97 38.29
N LEU D 20 19.37 -8.75 38.90
CA LEU D 20 18.14 -8.82 38.13
C LEU D 20 18.16 -7.81 37.02
N VAL D 21 18.57 -6.59 37.31
CA VAL D 21 18.61 -5.57 36.28
C VAL D 21 19.56 -6.00 35.15
N ASN D 22 20.67 -6.64 35.52
CA ASN D 22 21.69 -7.02 34.54
C ASN D 22 21.12 -7.97 33.51
N HIS D 23 20.47 -9.03 33.97
CA HIS D 23 19.95 -10.07 33.10
C HIS D 23 18.56 -9.78 32.58
N GLU D 24 18.09 -8.54 32.65
CA GLU D 24 16.69 -8.25 32.34
C GLU D 24 16.42 -8.28 30.84
N TRP D 25 17.29 -7.68 30.02
CA TRP D 25 17.04 -7.59 28.58
C TRP D 25 17.20 -8.93 27.88
N HIS D 26 17.70 -9.92 28.58
CA HIS D 26 17.95 -11.22 27.97
C HIS D 26 16.68 -12.04 27.81
N VAL D 27 15.71 -11.89 28.71
CA VAL D 27 14.51 -12.73 28.63
C VAL D 27 13.61 -12.34 27.45
N LEU D 28 13.94 -11.28 26.73
CA LEU D 28 13.13 -10.89 25.59
C LEU D 28 13.07 -12.01 24.56
N PRO D 29 11.87 -12.38 24.08
CA PRO D 29 11.75 -13.40 23.04
C PRO D 29 12.12 -12.80 21.70
N GLN D 30 13.22 -13.28 21.12
CA GLN D 30 13.66 -12.82 19.81
C GLN D 30 14.18 -11.39 19.83
N GLU D 31 15.30 -11.15 19.14
CA GLU D 31 15.90 -9.84 18.96
C GLU D 31 14.86 -8.82 18.50
N SER D 32 14.87 -7.63 19.08
CA SER D 32 13.82 -6.66 18.79
C SER D 32 14.28 -5.23 19.09
N VAL D 33 13.41 -4.29 18.75
CA VAL D 33 13.57 -2.90 19.15
C VAL D 33 12.17 -2.41 19.52
N PHE D 34 12.09 -1.47 20.46
CA PHE D 34 10.81 -1.01 21.03
C PHE D 34 10.03 -2.20 21.61
N ARG D 35 10.75 -3.06 22.34
CA ARG D 35 10.16 -4.12 23.13
C ARG D 35 10.89 -4.16 24.46
N PHE D 36 10.18 -4.53 25.52
CA PHE D 36 10.67 -4.45 26.89
C PHE D 36 10.17 -5.66 27.66
N SER D 37 11.06 -6.25 28.47
CA SER D 37 10.84 -7.59 29.03
C SER D 37 9.65 -7.63 29.99
N PHE D 38 9.59 -6.71 30.95
CA PHE D 38 8.60 -6.76 32.01
C PHE D 38 7.63 -5.58 31.87
N VAL D 39 6.37 -5.91 31.53
CA VAL D 39 5.33 -4.95 31.21
C VAL D 39 4.08 -5.39 31.96
N PRO D 40 2.95 -4.66 31.87
CA PRO D 40 1.70 -5.16 32.45
C PRO D 40 1.25 -6.46 31.79
N VAL D 41 0.82 -7.43 32.62
CA VAL D 41 0.33 -8.72 32.14
C VAL D 41 -1.19 -8.68 32.11
N VAL D 42 -1.77 -9.36 31.12
CA VAL D 42 -3.22 -9.51 31.04
C VAL D 42 -3.61 -10.69 31.94
N ASP D 43 -3.77 -10.43 33.24
CA ASP D 43 -4.01 -11.49 34.21
C ASP D 43 -5.48 -11.81 34.43
N GLY D 44 -6.40 -10.90 34.13
CA GLY D 44 -7.77 -11.04 34.56
C GLY D 44 -8.08 -10.39 35.90
N ASP D 45 -7.10 -9.78 36.57
CA ASP D 45 -7.39 -8.94 37.73
C ASP D 45 -7.32 -7.48 37.33
N PHE D 46 -6.12 -6.96 37.07
CA PHE D 46 -6.01 -5.54 36.73
C PHE D 46 -6.58 -5.27 35.36
N LEU D 47 -6.34 -6.18 34.43
CA LEU D 47 -6.84 -6.10 33.06
C LEU D 47 -7.69 -7.34 32.84
N SER D 48 -9.00 -7.17 32.83
CA SER D 48 -9.85 -8.34 32.74
C SER D 48 -9.76 -9.02 31.39
N ASP D 49 -9.33 -8.29 30.36
CA ASP D 49 -9.13 -8.86 29.03
C ASP D 49 -8.00 -8.06 28.40
N THR D 50 -7.69 -8.37 27.14
CA THR D 50 -6.66 -7.59 26.45
C THR D 50 -7.12 -6.15 26.28
N PRO D 51 -6.21 -5.20 26.26
CA PRO D 51 -6.67 -3.81 26.07
C PRO D 51 -7.47 -3.66 24.78
N GLU D 52 -7.12 -4.37 23.71
CA GLU D 52 -7.86 -4.17 22.48
C GLU D 52 -9.32 -4.59 22.64
N ALA D 53 -9.60 -5.62 23.45
CA ALA D 53 -10.99 -5.98 23.78
C ALA D 53 -11.66 -4.89 24.61
N LEU D 54 -11.10 -4.61 25.78
CA LEU D 54 -11.60 -3.59 26.68
C LEU D 54 -11.93 -2.27 25.95
N ILE D 55 -11.17 -1.92 24.91
CA ILE D 55 -11.35 -0.64 24.24
C ILE D 55 -12.64 -0.59 23.43
N ASN D 56 -13.15 -1.70 22.90
CA ASN D 56 -14.36 -1.56 22.07
C ASN D 56 -15.65 -1.92 22.77
N ALA D 57 -15.62 -2.41 24.00
CA ALA D 57 -16.82 -2.52 24.81
C ALA D 57 -16.47 -2.03 26.21
N GLY D 58 -16.21 -0.72 26.32
CA GLY D 58 -15.92 -0.08 27.58
C GLY D 58 -16.96 0.97 27.88
N ASP D 59 -16.77 1.65 29.01
CA ASP D 59 -17.70 2.66 29.51
C ASP D 59 -17.01 4.01 29.39
N PHE D 60 -17.18 4.65 28.23
CA PHE D 60 -16.40 5.82 27.90
C PHE D 60 -17.20 7.10 27.70
N HIS D 61 -18.52 7.02 27.57
CA HIS D 61 -19.33 8.22 27.62
C HIS D 61 -18.98 9.04 28.86
N GLY D 62 -19.07 10.37 28.73
CA GLY D 62 -18.84 11.25 29.87
C GLY D 62 -17.39 11.53 30.19
N LEU D 63 -16.49 11.28 29.24
CA LEU D 63 -15.06 11.22 29.48
C LEU D 63 -14.42 12.12 28.45
N GLN D 64 -13.52 12.99 28.88
CA GLN D 64 -12.75 13.80 27.94
C GLN D 64 -11.33 13.25 27.86
N VAL D 65 -10.83 13.09 26.64
CA VAL D 65 -9.52 12.52 26.41
C VAL D 65 -8.76 13.42 25.45
N LEU D 66 -7.50 13.70 25.77
CA LEU D 66 -6.60 14.43 24.90
C LEU D 66 -5.47 13.49 24.43
N VAL D 67 -5.32 13.31 23.11
CA VAL D 67 -4.30 12.37 22.60
C VAL D 67 -3.48 13.00 21.48
N GLY D 68 -2.24 12.54 21.34
CA GLY D 68 -1.40 13.04 20.26
C GLY D 68 -0.12 12.25 20.09
N VAL D 69 0.56 12.55 18.99
CA VAL D 69 1.86 11.98 18.66
C VAL D 69 2.84 13.09 18.27
N VAL D 70 4.12 12.75 18.24
CA VAL D 70 5.15 13.65 17.72
C VAL D 70 5.43 13.27 16.27
N LYS D 71 6.08 14.19 15.55
CA LYS D 71 6.17 14.07 14.09
C LYS D 71 6.99 12.84 13.67
N ASP D 72 8.06 12.50 14.43
CA ASP D 72 8.96 11.37 14.08
C ASP D 72 9.08 10.41 15.28
N GLU D 73 8.05 9.58 15.47
CA GLU D 73 8.00 8.70 16.64
C GLU D 73 9.03 7.58 16.58
N GLY D 74 9.42 7.14 15.39
CA GLY D 74 10.29 5.98 15.26
C GLY D 74 11.76 6.17 15.56
N SER D 75 12.31 7.34 15.17
CA SER D 75 13.75 7.65 15.20
C SER D 75 14.50 7.19 16.44
N TYR D 76 13.99 7.54 17.62
CA TYR D 76 14.72 7.28 18.86
C TYR D 76 15.09 5.81 18.99
N PHE D 77 14.16 4.91 18.63
CA PHE D 77 14.35 3.50 18.90
C PHE D 77 15.30 2.84 17.94
N LEU D 78 15.55 3.45 16.80
CA LEU D 78 16.35 2.78 15.78
C LEU D 78 17.82 2.64 16.17
N VAL D 79 18.35 3.57 16.97
CA VAL D 79 19.75 3.45 17.38
C VAL D 79 19.97 2.37 18.42
N TYR D 80 18.91 1.72 18.88
CA TYR D 80 19.00 0.68 19.91
C TYR D 80 18.78 -0.74 19.34
N GLY D 81 19.18 -0.99 18.10
CA GLY D 81 18.98 -2.31 17.51
C GLY D 81 18.82 -2.40 15.99
N ALA D 82 18.50 -1.29 15.33
CA ALA D 82 18.44 -1.37 13.88
C ALA D 82 19.86 -1.37 13.29
N PRO D 83 20.12 -2.22 12.30
CA PRO D 83 21.47 -2.32 11.73
C PRO D 83 21.88 -1.06 10.99
N GLY D 84 23.07 -0.53 11.33
CA GLY D 84 23.64 0.60 10.63
C GLY D 84 23.12 1.97 11.03
N PHE D 85 22.56 2.12 12.25
CA PHE D 85 22.09 3.38 12.81
C PHE D 85 22.99 3.85 13.95
N SER D 86 23.32 5.14 13.95
CA SER D 86 23.85 5.84 15.12
C SER D 86 23.37 7.27 15.10
N LYS D 87 23.49 7.94 16.25
CA LYS D 87 23.33 9.38 16.27
C LYS D 87 24.52 10.08 15.64
N ASP D 88 25.64 9.38 15.48
CA ASP D 88 26.88 10.03 15.06
C ASP D 88 27.16 9.91 13.57
N ASN D 89 26.42 9.09 12.83
CA ASN D 89 26.44 9.21 11.37
C ASN D 89 25.01 9.34 10.88
N GLU D 90 24.88 9.45 9.55
CA GLU D 90 23.60 9.73 8.90
C GLU D 90 22.63 8.56 8.85
N SER D 91 23.07 7.37 9.29
CA SER D 91 22.27 6.15 9.25
C SER D 91 21.76 5.87 7.84
N LEU D 92 22.64 6.07 6.86
CA LEU D 92 22.23 5.84 5.47
C LEU D 92 22.36 4.36 5.20
N ILE D 93 21.27 3.63 5.45
CA ILE D 93 21.31 2.18 5.48
C ILE D 93 21.10 1.63 4.07
N SER D 94 21.53 0.39 3.90
CA SER D 94 21.37 -0.35 2.66
C SER D 94 20.02 -1.02 2.64
N ARG D 95 19.60 -1.47 1.45
CA ARG D 95 18.34 -2.20 1.41
C ARG D 95 18.42 -3.45 2.28
N ALA D 96 19.57 -4.12 2.26
CA ALA D 96 19.78 -5.30 3.10
C ALA D 96 19.52 -4.96 4.57
N GLU D 97 20.10 -3.84 5.04
CA GLU D 97 19.89 -3.41 6.42
C GLU D 97 18.44 -3.00 6.66
N PHE D 98 17.78 -2.43 5.65
CA PHE D 98 16.35 -2.13 5.80
C PHE D 98 15.56 -3.41 6.03
N LEU D 99 15.76 -4.42 5.16
CA LEU D 99 15.02 -5.67 5.31
C LEU D 99 15.24 -6.26 6.69
N ALA D 100 16.49 -6.27 7.18
CA ALA D 100 16.81 -6.82 8.48
C ALA D 100 16.11 -6.08 9.59
N GLY D 101 16.09 -4.75 9.53
CA GLY D 101 15.48 -3.93 10.55
C GLY D 101 13.97 -4.03 10.62
N VAL D 102 13.33 -4.42 9.53
CA VAL D 102 11.90 -4.68 9.54
C VAL D 102 11.59 -5.83 10.50
N ARG D 103 12.43 -6.89 10.46
CA ARG D 103 12.22 -8.06 11.31
C ARG D 103 12.57 -7.79 12.76
N VAL D 104 13.30 -6.72 13.03
CA VAL D 104 13.63 -6.41 14.39
C VAL D 104 12.72 -5.28 14.87
N GLY D 105 12.23 -4.43 13.97
CA GLY D 105 11.20 -3.47 14.34
C GLY D 105 9.84 -4.11 14.49
N VAL D 106 9.54 -5.12 13.68
CA VAL D 106 8.26 -5.81 13.72
C VAL D 106 8.55 -7.27 14.07
N PRO D 107 8.96 -7.56 15.29
CA PRO D 107 9.30 -8.95 15.63
C PRO D 107 8.04 -9.78 15.76
N GLN D 108 8.21 -11.07 16.03
CA GLN D 108 7.11 -11.97 16.34
C GLN D 108 5.99 -11.83 15.30
N VAL D 109 6.31 -12.22 14.07
CA VAL D 109 5.40 -12.00 12.96
C VAL D 109 5.87 -12.92 11.84
N SER D 110 4.95 -13.31 10.98
CA SER D 110 5.32 -14.28 9.95
C SER D 110 6.16 -13.65 8.84
N ASP D 111 6.86 -14.51 8.10
CA ASP D 111 7.60 -14.05 6.93
C ASP D 111 6.68 -13.34 5.93
N LEU D 112 5.49 -13.89 5.72
CA LEU D 112 4.55 -13.28 4.78
C LEU D 112 4.09 -11.91 5.26
N ALA D 113 3.92 -11.76 6.58
CA ALA D 113 3.48 -10.48 7.12
C ALA D 113 4.57 -9.42 6.92
N ALA D 114 5.81 -9.77 7.24
CA ALA D 114 6.93 -8.86 6.98
C ALA D 114 7.05 -8.48 5.51
N GLU D 115 6.71 -9.39 4.59
CA GLU D 115 6.68 -8.99 3.18
C GLU D 115 5.64 -7.91 2.93
N ALA D 116 4.51 -7.98 3.64
CA ALA D 116 3.48 -6.96 3.47
C ALA D 116 3.95 -5.60 3.95
N VAL D 117 4.70 -5.57 5.05
CA VAL D 117 5.29 -4.32 5.54
C VAL D 117 6.21 -3.72 4.49
N VAL D 118 7.12 -4.54 3.96
CA VAL D 118 8.02 -4.07 2.92
C VAL D 118 7.24 -3.63 1.70
N LEU D 119 6.11 -4.28 1.40
CA LEU D 119 5.31 -3.87 0.26
C LEU D 119 4.91 -2.41 0.36
N HIS D 120 4.47 -1.98 1.54
CA HIS D 120 3.86 -0.66 1.66
C HIS D 120 4.86 0.43 1.98
N TYR D 121 5.93 0.12 2.72
CA TYR D 121 6.91 1.12 3.16
C TYR D 121 8.16 1.18 2.27
N THR D 122 8.22 0.39 1.19
CA THR D 122 9.23 0.56 0.17
C THR D 122 8.73 1.53 -0.88
N ASP D 123 9.68 2.19 -1.55
CA ASP D 123 9.41 3.11 -2.67
C ASP D 123 9.90 2.41 -3.93
N TRP D 124 8.99 1.81 -4.68
CA TRP D 124 9.46 0.94 -5.74
C TRP D 124 10.03 1.69 -6.95
N LEU D 125 10.08 3.03 -6.94
CA LEU D 125 10.93 3.73 -7.89
C LEU D 125 12.34 3.89 -7.36
N HIS D 126 12.49 3.85 -6.04
CA HIS D 126 13.77 4.12 -5.36
C HIS D 126 13.91 3.10 -4.24
N PRO D 127 14.04 1.81 -4.57
CA PRO D 127 14.09 0.79 -3.52
C PRO D 127 15.36 0.85 -2.70
N GLU D 128 16.41 1.45 -3.27
CA GLU D 128 17.77 1.37 -2.77
C GLU D 128 18.26 2.65 -2.13
N ASP D 129 17.52 3.74 -2.30
CA ASP D 129 17.89 5.04 -1.76
C ASP D 129 18.03 4.93 -0.24
N PRO D 130 19.23 5.13 0.31
CA PRO D 130 19.41 5.00 1.77
C PRO D 130 18.61 6.01 2.60
N ALA D 131 18.40 7.23 2.10
CA ALA D 131 17.70 8.24 2.89
C ALA D 131 16.24 7.88 3.06
N ARG D 132 15.60 7.42 1.97
CA ARG D 132 14.21 6.97 2.04
C ARG D 132 14.09 5.73 2.90
N LEU D 133 14.98 4.75 2.70
CA LEU D 133 14.99 3.55 3.53
C LEU D 133 15.05 3.90 5.01
N ARG D 134 15.95 4.84 5.38
CA ARG D 134 16.04 5.30 6.76
C ARG D 134 14.69 5.82 7.26
N GLU D 135 14.17 6.88 6.64
CA GLU D 135 12.92 7.45 7.15
C GLU D 135 11.82 6.41 7.13
N ALA D 136 11.80 5.58 6.07
CA ALA D 136 10.80 4.52 5.92
C ALA D 136 10.75 3.61 7.15
N LEU D 137 11.89 3.00 7.50
CA LEU D 137 11.93 2.16 8.70
C LEU D 137 11.55 2.95 9.94
N SER D 138 11.83 4.26 9.97
CA SER D 138 11.42 5.06 11.12
C SER D 138 9.90 5.13 11.19
N ASP D 139 9.25 5.29 10.05
CA ASP D 139 7.79 5.26 10.02
C ASP D 139 7.25 3.87 10.38
N VAL D 140 7.88 2.80 9.91
CA VAL D 140 7.41 1.47 10.29
C VAL D 140 7.34 1.36 11.80
N VAL D 141 8.44 1.64 12.49
CA VAL D 141 8.47 1.56 13.95
C VAL D 141 7.54 2.61 14.57
N GLY D 142 7.51 3.81 13.99
CA GLY D 142 6.61 4.85 14.50
C GLY D 142 5.15 4.46 14.38
N ASP D 143 4.75 3.96 13.22
CA ASP D 143 3.34 3.62 12.98
C ASP D 143 2.90 2.41 13.77
N HIS D 144 3.66 1.33 13.71
CA HIS D 144 3.31 0.08 14.39
C HIS D 144 3.17 0.28 15.90
N ASN D 145 3.95 1.17 16.50
CA ASN D 145 4.09 1.21 17.94
C ASN D 145 3.38 2.38 18.59
N VAL D 146 3.28 3.51 17.88
CA VAL D 146 2.72 4.70 18.51
C VAL D 146 1.55 5.23 17.71
N VAL D 147 1.81 5.72 16.49
CA VAL D 147 0.77 6.47 15.78
C VAL D 147 -0.50 5.62 15.63
N CYS D 148 -0.36 4.37 15.23
CA CYS D 148 -1.59 3.63 14.96
C CYS D 148 -2.30 3.09 16.21
N PRO D 149 -1.58 2.61 17.23
CA PRO D 149 -2.33 2.24 18.44
C PRO D 149 -3.06 3.44 19.06
N VAL D 150 -2.46 4.62 19.02
CA VAL D 150 -3.13 5.83 19.50
C VAL D 150 -4.35 6.13 18.64
N ALA D 151 -4.19 6.07 17.31
CA ALA D 151 -5.31 6.37 16.41
C ALA D 151 -6.44 5.35 16.54
N GLN D 152 -6.13 4.09 16.85
CA GLN D 152 -7.18 3.15 17.23
C GLN D 152 -7.94 3.63 18.45
N LEU D 153 -7.22 3.96 19.51
CA LEU D 153 -7.88 4.38 20.75
C LEU D 153 -8.76 5.59 20.51
N ALA D 154 -8.25 6.60 19.82
CA ALA D 154 -9.04 7.81 19.66
C ALA D 154 -10.40 7.52 19.03
N GLY D 155 -10.42 6.78 17.92
CA GLY D 155 -11.66 6.55 17.22
C GLY D 155 -12.64 5.68 17.99
N ARG D 156 -12.12 4.66 18.68
CA ARG D 156 -13.05 3.79 19.41
C ARG D 156 -13.62 4.51 20.62
N LEU D 157 -12.79 5.32 21.28
CA LEU D 157 -13.26 6.17 22.36
C LEU D 157 -14.33 7.13 21.86
N ALA D 158 -14.04 7.83 20.76
CA ALA D 158 -14.99 8.80 20.23
C ALA D 158 -16.30 8.13 19.85
N ALA D 159 -16.22 6.98 19.19
CA ALA D 159 -17.43 6.30 18.72
C ALA D 159 -18.33 5.86 19.87
N GLN D 160 -17.77 5.63 21.05
CA GLN D 160 -18.54 5.23 22.22
C GLN D 160 -18.79 6.41 23.17
N GLY D 161 -18.67 7.64 22.67
CA GLY D 161 -19.14 8.80 23.40
C GLY D 161 -18.13 9.53 24.24
N ALA D 162 -16.83 9.37 23.98
CA ALA D 162 -15.84 10.22 24.61
C ALA D 162 -15.70 11.50 23.79
N ARG D 163 -15.41 12.61 24.48
CA ARG D 163 -15.01 13.85 23.83
C ARG D 163 -13.50 13.76 23.71
N VAL D 164 -13.01 13.61 22.48
CA VAL D 164 -11.62 13.31 22.19
C VAL D 164 -11.03 14.46 21.41
N TYR D 165 -9.85 14.95 21.83
CA TYR D 165 -9.10 15.96 21.09
C TYR D 165 -7.75 15.36 20.67
N ALA D 166 -7.33 15.60 19.42
CA ALA D 166 -6.10 14.97 18.88
C ALA D 166 -5.12 16.00 18.34
N TYR D 167 -3.84 15.85 18.69
CA TYR D 167 -2.78 16.74 18.24
C TYR D 167 -1.67 15.95 17.56
N VAL D 168 -0.95 16.62 16.68
CA VAL D 168 0.37 16.16 16.28
C VAL D 168 1.39 17.27 16.57
N PHE D 169 2.43 16.91 17.32
CA PHE D 169 3.45 17.85 17.82
C PHE D 169 4.64 17.82 16.85
N GLU D 170 4.90 18.93 16.17
CA GLU D 170 5.88 18.86 15.10
C GLU D 170 6.84 20.04 15.16
N HIS D 171 7.38 20.31 16.34
CA HIS D 171 8.41 21.34 16.50
C HIS D 171 9.67 20.77 17.14
N ARG D 172 10.81 21.09 16.54
CA ARG D 172 12.11 20.64 17.02
C ARG D 172 12.72 21.66 17.98
N ALA D 173 13.02 21.23 19.20
CA ALA D 173 13.71 22.11 20.14
C ALA D 173 15.01 22.59 19.55
N SER D 174 15.21 23.91 19.54
CA SER D 174 16.50 24.44 19.11
C SER D 174 17.64 23.90 19.96
N THR D 175 17.33 23.47 21.19
CA THR D 175 18.29 22.88 22.13
C THR D 175 18.57 21.41 21.82
N LEU D 176 17.83 20.80 20.89
CA LEU D 176 17.83 19.34 20.76
C LEU D 176 19.20 18.80 20.39
N SER D 177 19.64 17.80 21.14
CA SER D 177 20.98 17.28 21.00
C SER D 177 21.10 16.13 20.00
N TRP D 178 20.00 15.47 19.65
CA TRP D 178 20.05 14.36 18.70
C TRP D 178 20.22 14.88 17.26
N PRO D 179 20.69 14.04 16.35
CA PRO D 179 21.01 14.53 15.00
C PRO D 179 19.76 14.97 14.28
N LEU D 180 19.97 15.78 13.25
CA LEU D 180 18.85 16.38 12.52
C LEU D 180 17.92 15.35 11.88
N TRP D 181 18.47 14.19 11.48
CA TRP D 181 17.66 13.19 10.80
C TRP D 181 16.65 12.52 11.71
N MET D 182 16.80 12.69 13.02
CA MET D 182 15.81 12.11 13.91
C MET D 182 14.54 12.93 14.01
N GLY D 183 14.53 14.13 13.43
CA GLY D 183 13.30 14.93 13.38
C GLY D 183 12.88 15.42 14.75
N VAL D 184 11.60 15.20 15.06
CA VAL D 184 11.05 15.47 16.38
C VAL D 184 10.91 14.12 17.10
N PRO D 185 11.89 13.70 17.88
CA PRO D 185 11.87 12.34 18.40
C PRO D 185 10.87 12.14 19.53
N HIS D 186 10.63 10.86 19.82
CA HIS D 186 9.80 10.38 20.90
C HIS D 186 10.25 10.99 22.22
N GLY D 187 9.42 11.87 22.78
CA GLY D 187 9.64 12.42 24.08
C GLY D 187 9.88 13.91 24.12
N TYR D 188 10.04 14.58 22.98
CA TYR D 188 10.50 15.97 23.01
C TYR D 188 9.38 16.99 22.79
N GLU D 189 8.16 16.60 23.14
CA GLU D 189 7.11 17.55 23.49
C GLU D 189 7.08 17.83 24.99
N ILE D 190 7.57 16.91 25.81
CA ILE D 190 7.45 17.01 27.26
C ILE D 190 8.07 18.31 27.76
N GLU D 191 9.33 18.58 27.36
CA GLU D 191 10.01 19.83 27.74
C GLU D 191 9.11 21.03 27.58
N PHE D 192 8.30 21.05 26.51
CA PHE D 192 7.51 22.23 26.20
C PHE D 192 6.21 22.24 26.98
N ILE D 193 5.57 21.08 27.10
CA ILE D 193 4.32 20.98 27.87
C ILE D 193 4.58 21.40 29.32
N PHE D 194 5.74 21.06 29.85
CA PHE D 194 6.09 21.33 31.24
C PHE D 194 6.67 22.72 31.46
N GLY D 195 6.75 23.55 30.42
CA GLY D 195 7.22 24.92 30.60
C GLY D 195 8.71 25.06 30.84
N ILE D 196 9.50 24.09 30.39
CA ILE D 196 10.94 24.13 30.60
C ILE D 196 11.58 25.34 29.90
N PRO D 197 11.08 25.80 28.71
CA PRO D 197 11.65 27.03 28.12
C PRO D 197 11.71 28.25 29.05
N LEU D 198 10.84 28.30 30.06
CA LEU D 198 10.78 29.46 30.94
C LEU D 198 11.99 29.55 31.90
N ASP D 199 12.67 28.43 32.13
CA ASP D 199 13.86 28.37 32.96
C ASP D 199 14.99 29.20 32.34
N PRO D 200 15.47 30.26 33.02
CA PRO D 200 16.54 31.08 32.43
C PRO D 200 17.88 30.36 32.37
N SER D 201 18.04 29.27 33.11
CA SER D 201 19.16 28.35 32.89
C SER D 201 19.27 27.94 31.42
N ARG D 202 18.20 27.39 30.89
CA ARG D 202 18.22 26.77 29.58
C ARG D 202 18.27 27.82 28.48
N ASN D 203 18.72 27.39 27.30
CA ASN D 203 19.04 28.30 26.20
C ASN D 203 17.96 28.23 25.12
N TYR D 204 16.71 28.45 25.53
CA TYR D 204 15.57 28.33 24.61
C TYR D 204 15.28 29.67 23.96
N THR D 205 14.63 29.63 22.80
CA THR D 205 14.31 30.84 22.05
C THR D 205 13.26 31.68 22.79
N ALA D 206 13.29 32.98 22.55
CA ALA D 206 12.22 33.85 23.02
C ALA D 206 10.87 33.42 22.46
N GLU D 207 10.87 32.98 21.20
CA GLU D 207 9.64 32.56 20.54
C GLU D 207 9.18 31.20 21.03
N GLU D 208 10.13 30.33 21.42
CA GLU D 208 9.76 29.06 22.03
C GLU D 208 9.08 29.26 23.38
N LYS D 209 9.44 30.32 24.11
CA LYS D 209 8.82 30.58 25.41
C LYS D 209 7.34 30.90 25.26
N ILE D 210 7.00 31.65 24.19
CA ILE D 210 5.60 31.85 23.82
C ILE D 210 4.92 30.52 23.55
N PHE D 211 5.58 29.66 22.76
CA PHE D 211 5.03 28.37 22.40
C PHE D 211 4.71 27.54 23.63
N ALA D 212 5.66 27.42 24.56
CA ALA D 212 5.43 26.60 25.74
C ALA D 212 4.31 27.16 26.61
N GLN D 213 4.22 28.49 26.71
CA GLN D 213 3.10 29.09 27.43
C GLN D 213 1.78 28.78 26.75
N ARG D 214 1.80 28.64 25.42
CA ARG D 214 0.57 28.34 24.72
C ARG D 214 0.18 26.88 24.89
N LEU D 215 1.16 26.00 25.07
CA LEU D 215 0.87 24.58 25.30
C LEU D 215 0.41 24.36 26.73
N MET D 216 1.11 24.95 27.70
CA MET D 216 0.64 24.88 29.07
C MET D 216 -0.80 25.39 29.18
N ARG D 217 -1.16 26.39 28.37
CA ARG D 217 -2.53 26.87 28.38
C ARG D 217 -3.50 25.80 27.86
N TYR D 218 -3.16 25.14 26.74
CA TYR D 218 -4.00 24.08 26.20
C TYR D 218 -4.17 22.95 27.22
N TRP D 219 -3.07 22.53 27.85
CA TRP D 219 -3.17 21.44 28.81
C TRP D 219 -3.93 21.86 30.07
N ALA D 220 -3.84 23.14 30.44
CA ALA D 220 -4.54 23.61 31.63
C ALA D 220 -6.03 23.84 31.35
N ASN D 221 -6.36 24.41 30.19
CA ASN D 221 -7.76 24.51 29.80
C ASN D 221 -8.41 23.13 29.84
N PHE D 222 -7.75 22.12 29.25
CA PHE D 222 -8.29 20.77 29.30
C PHE D 222 -8.51 20.31 30.74
N ALA D 223 -7.53 20.50 31.61
CA ALA D 223 -7.69 20.02 32.97
C ALA D 223 -8.85 20.71 33.67
N ARG D 224 -9.06 22.01 33.43
CA ARG D 224 -10.18 22.72 34.02
C ARG D 224 -11.51 22.31 33.41
N THR D 225 -11.57 22.23 32.08
CA THR D 225 -12.84 22.26 31.37
C THR D 225 -13.05 21.07 30.44
N GLY D 226 -12.13 20.14 30.36
CA GLY D 226 -12.27 19.08 29.38
C GLY D 226 -12.18 19.52 27.94
N ASP D 227 -11.89 20.79 27.67
CA ASP D 227 -11.74 21.30 26.31
C ASP D 227 -10.51 22.20 26.28
N PRO D 228 -9.48 21.88 25.49
CA PRO D 228 -8.27 22.72 25.46
C PRO D 228 -8.52 24.15 25.00
N ASN D 229 -9.62 24.42 24.33
CA ASN D 229 -9.77 25.67 23.62
C ASN D 229 -9.96 26.85 24.58
N GLU D 230 -9.46 28.01 24.14
CA GLU D 230 -9.62 29.28 24.85
C GLU D 230 -11.11 29.64 24.92
N PRO D 231 -11.69 29.66 26.11
CA PRO D 231 -13.15 29.76 26.23
C PRO D 231 -13.66 31.11 25.72
N ARG D 232 -14.79 31.06 25.00
CA ARG D 232 -15.33 32.19 24.24
C ARG D 232 -14.36 32.62 23.14
N ASP D 233 -13.18 33.13 23.56
CA ASP D 233 -12.03 33.68 22.84
C ASP D 233 -11.87 33.11 21.42
N PRO D 234 -12.28 33.88 20.39
CA PRO D 234 -12.23 33.37 19.02
C PRO D 234 -11.16 34.01 18.13
N LYS D 235 -10.00 34.43 18.66
CA LYS D 235 -9.02 35.11 17.82
C LYS D 235 -8.40 34.14 16.82
N ALA D 236 -8.18 32.91 17.24
CA ALA D 236 -7.36 31.90 16.59
C ALA D 236 -8.22 30.80 15.99
N PRO D 237 -7.65 29.93 15.17
CA PRO D 237 -8.40 28.75 14.74
C PRO D 237 -8.87 27.95 15.94
N GLN D 238 -10.03 27.32 15.77
CA GLN D 238 -10.64 26.52 16.81
C GLN D 238 -10.06 25.12 16.73
N TRP D 239 -9.82 24.49 17.89
CA TRP D 239 -9.28 23.14 17.90
C TRP D 239 -10.44 22.14 17.95
N PRO D 240 -10.76 21.45 16.86
CA PRO D 240 -12.02 20.66 16.78
C PRO D 240 -11.85 19.27 17.37
N PRO D 241 -12.86 18.74 18.04
CA PRO D 241 -12.75 17.39 18.58
C PRO D 241 -12.60 16.33 17.49
N TYR D 242 -11.81 15.31 17.80
CA TYR D 242 -11.57 14.20 16.89
C TYR D 242 -12.79 13.31 16.83
N THR D 243 -13.34 13.13 15.64
CA THR D 243 -14.44 12.19 15.43
C THR D 243 -13.92 11.01 14.63
N ALA D 244 -14.59 9.86 14.76
CA ALA D 244 -14.15 8.69 14.00
C ALA D 244 -14.40 8.84 12.50
N GLY D 245 -15.30 9.73 12.10
CA GLY D 245 -15.55 9.97 10.70
C GLY D 245 -14.56 10.93 10.08
N ALA D 246 -14.62 12.20 10.50
CA ALA D 246 -13.80 13.27 9.94
C ALA D 246 -12.37 13.24 10.47
N GLN D 247 -12.13 12.60 11.60
CA GLN D 247 -10.78 12.33 12.10
C GLN D 247 -9.90 13.58 12.13
N GLN D 248 -10.35 14.60 12.86
CA GLN D 248 -9.67 15.88 12.83
C GLN D 248 -8.68 15.99 13.99
N TYR D 249 -7.50 16.55 13.69
CA TYR D 249 -6.47 16.84 14.68
C TYR D 249 -5.80 18.15 14.33
N VAL D 250 -5.08 18.70 15.28
CA VAL D 250 -4.36 19.95 15.04
C VAL D 250 -2.86 19.69 15.10
N SER D 251 -2.10 20.60 14.49
CA SER D 251 -0.65 20.56 14.52
C SER D 251 -0.15 21.57 15.55
N LEU D 252 0.46 21.08 16.64
CA LEU D 252 1.06 21.95 17.64
C LEU D 252 2.43 22.38 17.13
N ASP D 253 2.52 23.60 16.64
CA ASP D 253 3.70 24.12 15.96
C ASP D 253 3.91 25.57 16.39
N LEU D 254 5.06 26.16 16.04
CA LEU D 254 5.22 27.59 16.29
C LEU D 254 4.26 28.43 15.48
N ARG D 255 3.74 27.90 14.37
CA ARG D 255 2.65 28.50 13.64
C ARG D 255 1.35 28.26 14.41
N PRO D 256 0.29 29.02 14.12
CA PRO D 256 -1.00 28.75 14.77
C PRO D 256 -1.52 27.35 14.44
N LEU D 257 -2.54 26.93 15.19
CA LEU D 257 -3.20 25.65 14.93
C LEU D 257 -3.60 25.49 13.46
N GLU D 258 -2.96 24.54 12.76
CA GLU D 258 -3.49 24.03 11.50
C GLU D 258 -4.34 22.81 11.83
N VAL D 259 -5.55 22.77 11.28
CA VAL D 259 -6.49 21.67 11.52
C VAL D 259 -6.36 20.71 10.34
N ARG D 260 -5.54 19.69 10.50
CA ARG D 260 -5.36 18.61 9.55
C ARG D 260 -6.45 17.56 9.75
N ARG D 261 -6.58 16.68 8.77
CA ARG D 261 -7.69 15.75 8.74
C ARG D 261 -7.17 14.38 8.34
N GLY D 262 -7.32 13.40 9.24
CA GLY D 262 -6.90 12.03 8.95
C GLY D 262 -5.49 11.73 9.41
N LEU D 263 -5.38 10.80 10.36
CA LEU D 263 -4.19 10.65 11.19
C LEU D 263 -3.41 9.41 10.75
N ARG D 264 -2.66 9.55 9.65
CA ARG D 264 -2.07 8.44 8.90
C ARG D 264 -3.14 7.37 8.67
N ALA D 265 -4.07 7.74 7.81
CA ALA D 265 -5.22 6.89 7.57
C ALA D 265 -4.81 5.63 6.81
N GLN D 266 -4.15 5.79 5.66
CA GLN D 266 -3.79 4.63 4.84
C GLN D 266 -2.87 3.66 5.57
N ALA D 267 -1.96 4.18 6.40
CA ALA D 267 -1.04 3.31 7.14
C ALA D 267 -1.77 2.44 8.16
N CYS D 268 -2.60 3.07 9.01
CA CYS D 268 -3.21 2.33 10.12
C CYS D 268 -4.29 1.37 9.65
N ALA D 269 -4.88 1.59 8.48
CA ALA D 269 -5.74 0.58 7.87
C ALA D 269 -5.01 -0.75 7.79
N PHE D 270 -3.78 -0.72 7.26
CA PHE D 270 -2.92 -1.89 7.30
C PHE D 270 -2.64 -2.33 8.74
N TRP D 271 -2.21 -1.42 9.61
CA TRP D 271 -1.68 -1.85 10.91
C TRP D 271 -2.78 -2.37 11.84
N ASN D 272 -3.95 -1.72 11.86
CA ASN D 272 -5.04 -2.06 12.79
C ASN D 272 -6.06 -3.05 12.25
N ARG D 273 -6.14 -3.21 10.93
CA ARG D 273 -7.18 -4.00 10.29
C ARG D 273 -6.62 -5.14 9.46
N PHE D 274 -5.77 -4.88 8.46
CA PHE D 274 -5.39 -5.95 7.54
C PHE D 274 -4.35 -6.88 8.15
N LEU D 275 -3.32 -6.34 8.82
CA LEU D 275 -2.26 -7.21 9.30
C LEU D 275 -2.76 -8.25 10.30
N PRO D 276 -3.63 -7.91 11.26
CA PRO D 276 -4.14 -8.98 12.15
C PRO D 276 -4.95 -10.04 11.42
N LYS D 277 -5.66 -9.70 10.33
CA LYS D 277 -6.30 -10.74 9.52
C LYS D 277 -5.26 -11.69 8.95
N LEU D 278 -4.25 -11.12 8.29
CA LEU D 278 -3.19 -11.88 7.66
C LEU D 278 -2.45 -12.73 8.67
N LEU D 279 -2.34 -12.28 9.92
CA LEU D 279 -1.64 -13.07 10.93
C LEU D 279 -2.45 -14.30 11.34
N SER D 280 -3.73 -14.11 11.65
CA SER D 280 -4.57 -15.24 12.05
C SER D 280 -5.04 -16.07 10.85
N ALA D 281 -4.55 -15.79 9.64
CA ALA D 281 -4.85 -16.60 8.47
C ALA D 281 -3.63 -17.35 7.93
N THR D 282 -2.45 -17.07 8.47
CA THR D 282 -1.23 -17.80 8.09
C THR D 282 -0.41 -18.10 9.34
C1 NAG E . -26.43 4.13 -13.46
C2 NAG E . -27.09 4.05 -12.07
C3 NAG E . -27.17 2.60 -11.58
C4 NAG E . -27.75 1.67 -12.64
C5 NAG E . -26.94 1.83 -13.93
C6 NAG E . -27.37 0.97 -15.08
C7 NAG E . -26.92 5.85 -10.38
C8 NAG E . -25.99 6.61 -9.46
N2 NAG E . -26.35 4.88 -11.12
O3 NAG E . -27.95 2.54 -10.40
O4 NAG E . -27.72 0.32 -12.20
O5 NAG E . -27.06 3.20 -14.35
O6 NAG E . -28.76 1.04 -15.32
O7 NAG E . -28.13 6.11 -10.45
C1 NAG E . -28.95 -0.43 -12.46
C2 NAG E . -28.64 -1.93 -12.37
C3 NAG E . -29.91 -2.77 -12.60
C4 NAG E . -31.07 -2.27 -11.73
C5 NAG E . -31.23 -0.76 -11.88
C6 NAG E . -32.30 -0.17 -11.01
C7 NAG E . -26.40 -2.73 -12.98
C8 NAG E . -25.46 -3.05 -14.11
N2 NAG E . -27.61 -2.29 -13.33
O3 NAG E . -29.62 -4.12 -12.32
O4 NAG E . -32.28 -2.90 -12.15
O5 NAG E . -30.00 -0.11 -11.53
O6 NAG E . -32.66 1.12 -11.48
O7 NAG E . -26.07 -2.86 -11.80
C1 BMA E . -32.88 -3.81 -11.18
C2 BMA E . -34.45 -3.77 -11.33
C3 BMA E . -35.11 -4.67 -10.25
C4 BMA E . -34.49 -6.10 -10.25
C5 BMA E . -32.88 -6.06 -10.27
C6 BMA E . -32.20 -7.43 -10.49
O2 BMA E . -34.86 -4.28 -12.59
O3 BMA E . -36.58 -4.70 -10.30
O4 BMA E . -34.99 -6.82 -9.12
O5 BMA E . -32.41 -5.15 -11.31
O6 BMA E . -30.78 -7.29 -10.22
C1 FUC E . -29.03 1.18 -16.73
C2 FUC E . -30.51 0.82 -16.98
C3 FUC E . -31.36 1.69 -16.04
C4 FUC E . -31.13 3.20 -16.35
C5 FUC E . -29.60 3.55 -16.53
C6 FUC E . -29.37 4.80 -17.35
O2 FUC E . -30.78 -0.59 -16.87
O3 FUC E . -32.75 1.43 -16.16
O4 FUC E . -31.87 3.60 -17.50
O5 FUC E . -28.79 2.50 -17.16
C1 NAG F . 26.91 4.32 11.27
C2 NAG F . 27.37 3.42 10.10
C3 NAG F . 27.02 1.96 10.37
C4 NAG F . 27.59 1.51 11.71
C5 NAG F . 27.02 2.41 12.81
C6 NAG F . 27.53 2.08 14.19
C7 NAG F . 27.41 4.51 7.88
C8 NAG F . 26.59 4.90 6.68
N2 NAG F . 26.75 3.88 8.86
O3 NAG F . 27.49 1.13 9.31
O4 NAG F . 27.34 0.13 11.97
O5 NAG F . 27.39 3.77 12.53
O6 NAG F . 28.96 2.03 14.19
O7 NAG F . 28.62 4.74 7.94
C1 NAG F . 28.61 -0.57 12.00
C2 NAG F . 28.52 -2.11 11.98
C3 NAG F . 29.93 -2.71 11.93
C4 NAG F . 30.67 -2.19 10.72
C5 NAG F . 30.70 -0.65 10.72
C6 NAG F . 31.29 -0.06 9.46
C7 NAG F . 26.52 -3.08 13.07
C8 NAG F . 25.85 -3.00 11.72
N2 NAG F . 27.78 -2.62 13.13
O3 NAG F . 29.88 -4.13 11.91
O4 NAG F . 32.00 -2.70 10.71
O5 NAG F . 29.37 -0.12 10.84
O6 NAG F . 30.80 1.25 9.22
O7 NAG F . 25.94 -3.52 14.05
C1 FUC F . 29.61 2.68 15.29
C2 FUC F . 30.95 1.99 15.33
C3 FUC F . 31.66 2.23 13.96
C4 FUC F . 31.91 3.77 13.75
C5 FUC F . 30.58 4.59 14.02
C6 FUC F . 30.79 6.10 14.25
O2 FUC F . 30.81 0.58 15.60
O3 FUC F . 32.92 1.53 13.84
O4 FUC F . 33.03 4.26 14.54
O5 FUC F . 29.76 4.09 15.16
C1 NAG G . -7.09 2.00 52.16
C2 NAG G . -8.34 2.41 51.39
C3 NAG G . -9.04 1.16 50.84
C4 NAG G . -8.07 0.38 49.95
C5 NAG G . -6.73 0.11 50.66
C6 NAG G . -5.65 -0.37 49.70
C7 NAG G . -9.63 4.43 51.92
C8 NAG G . -9.04 5.02 50.66
N2 NAG G . -9.26 3.18 52.21
O1 NAG G . -6.46 3.11 52.75
O3 NAG G . -10.20 1.52 50.11
O4 NAG G . -8.69 -0.85 49.54
O5 NAG G . -6.20 1.30 51.27
O6 NAG G . -5.78 -1.76 49.40
O7 NAG G . -10.40 5.07 52.63
C1 GAL G . -8.69 -0.93 48.09
C2 GAL G . -9.12 -2.34 47.53
C3 GAL G . -8.84 -2.35 46.01
C4 GAL G . -9.73 -1.28 45.33
C5 GAL G . -9.35 0.06 45.97
C6 GAL G . -10.04 1.32 45.39
O2 GAL G . -8.40 -3.43 48.11
O3 GAL G . -8.99 -3.63 45.33
O4 GAL G . -11.13 -1.56 45.54
O5 GAL G . -9.56 0.04 47.44
O6 GAL G . -9.38 1.81 44.23
C1 SIA G . -7.56 -3.18 43.35
C2 SIA G . -7.85 -4.04 44.67
C3 SIA G . -8.21 -5.51 44.39
C4 SIA G . -7.08 -6.29 43.72
C5 SIA G . -5.78 -6.18 44.53
C6 SIA G . -5.44 -4.70 44.86
C7 SIA G . -4.27 -4.59 45.88
C8 SIA G . -3.46 -3.23 45.93
C9 SIA G . -4.28 -1.94 45.74
C10 SIA G . -3.84 -7.79 44.30
C11 SIA G . -4.07 -8.21 45.75
N5 SIA G . -4.67 -6.85 43.80
O1A SIA G . -6.77 -2.19 43.45
O1B SIA G . -8.16 -3.62 42.33
O4 SIA G . -7.41 -7.69 43.55
O6 SIA G . -6.58 -4.06 45.44
O7 SIA G . -4.74 -4.99 47.17
O8 SIA G . -2.68 -3.15 47.13
O9 SIA G . -3.40 -0.81 45.72
O10 SIA G . -2.94 -8.31 43.64
C02 4IX H . -20.66 -16.31 -17.46
C03 4IX H . -20.70 -14.89 -17.06
C05 4IX H . -21.74 -12.93 -18.39
C07 4IX H . -21.71 -11.52 -20.30
C08 4IX H . -21.84 -11.50 -21.90
C09 4IX H . -20.74 -10.66 -22.57
C10 4IX H . -19.86 -9.97 -21.50
C11 4IX H . -18.64 -9.09 -21.96
C12 4IX H . -18.53 -8.31 -23.12
C14 4IX H . -16.80 -6.79 -24.09
C15 4IX H . -15.34 -6.34 -23.65
C16 4IX H . -14.84 -5.32 -24.69
C17 4IX H . -13.41 -5.59 -25.22
C18 4IX H . -12.77 -6.80 -24.97
C19 4IX H . -11.47 -7.02 -25.45
C20 4IX H . -10.80 -6.01 -26.21
C22 4IX H . -11.49 -4.80 -26.43
C23 4IX H . -10.86 -3.58 -27.23
C29 4IX H . -22.92 -13.08 -17.42
C31 4IX H . -22.35 -13.35 -16.06
C33 4IX H . -21.87 -14.73 -16.07
N13 4IX H . -17.33 -7.71 -23.09
N24 4IX H . -10.28 -3.66 -28.35
N26 4IX H . -12.75 -4.64 -25.95
N27 4IX H . -16.67 -8.06 -21.98
N28 4IX H . -17.49 -8.92 -21.27
O01 4IX H . -20.61 -17.14 -16.32
O04 4IX H . -20.78 -14.05 -18.31
O06 4IX H . -22.18 -12.75 -19.71
O21 4IX H . -9.50 -6.26 -26.70
O25 4IX H . -10.19 -4.91 -28.97
O30 4IX H . -23.71 -11.89 -17.45
O32 4IX H . -23.29 -13.19 -14.95
O34 4IX H . -21.49 -15.11 -14.73
S SO4 I . -2.69 -27.45 -15.70
O1 SO4 I . -3.33 -28.67 -16.21
O2 SO4 I . -1.67 -27.86 -14.72
O3 SO4 I . -2.00 -26.77 -16.81
O4 SO4 I . -3.76 -26.65 -15.06
S SO4 J . -16.57 -0.98 -46.80
O1 SO4 J . -17.09 0.04 -45.89
O2 SO4 J . -16.09 -2.13 -46.01
O3 SO4 J . -15.44 -0.47 -47.61
O4 SO4 J . -17.66 -1.45 -47.68
S SO4 K . -12.47 4.83 -50.12
O1 SO4 K . -12.77 3.57 -49.43
O2 SO4 K . -12.48 5.92 -49.11
O3 SO4 K . -11.16 4.78 -50.81
O4 SO4 K . -13.51 5.08 -51.11
CL CL L . 4.72 -24.57 -37.97
CL CL M . -3.36 -19.08 -65.25
CL CL N . -26.56 5.32 -27.59
S SO4 O . 19.13 1.55 -14.81
O1 SO4 O . 18.25 0.42 -14.46
O2 SO4 O . 19.49 2.26 -13.57
O3 SO4 O . 18.53 2.55 -15.73
O4 SO4 O . 20.27 0.95 -15.50
S SO4 P . 13.77 -15.53 -11.41
O1 SO4 P . 12.96 -16.68 -10.97
O2 SO4 P . 14.52 -14.93 -10.30
O3 SO4 P . 14.70 -15.96 -12.45
O4 SO4 P . 12.92 -14.48 -11.99
S SO4 Q . -14.86 -2.11 4.42
O1 SO4 Q . -15.63 -3.36 4.55
O2 SO4 Q . -14.98 -1.33 5.68
O3 SO4 Q . -15.43 -1.32 3.33
O4 SO4 Q . -13.46 -2.44 4.08
S SO4 R . 24.35 -5.65 -20.98
O1 SO4 R . 23.51 -6.81 -21.31
O2 SO4 R . 24.89 -5.79 -19.62
O3 SO4 R . 25.47 -5.60 -21.94
O4 SO4 R . 23.57 -4.40 -21.05
S SO4 S . 8.82 -9.31 -11.23
O1 SO4 S . 8.11 -10.52 -10.77
O2 SO4 S . 10.11 -9.25 -10.54
O3 SO4 S . 9.01 -9.40 -12.69
O4 SO4 S . 8.06 -8.09 -10.91
S SO4 T . -11.49 -18.50 0.84
O1 SO4 T . -12.28 -19.56 0.21
O2 SO4 T . -10.33 -19.07 1.55
O3 SO4 T . -10.97 -17.63 -0.22
O4 SO4 T . -12.32 -17.69 1.76
MG MG U . -2.08 -3.62 -0.21
CL CL V . 0.41 3.81 -8.19
CL CL W . 21.44 -2.20 -26.63
CL CL X . 1.43 -16.09 -17.10
CL CL Y . 7.24 11.56 -12.77
CL CL Z . -14.06 15.99 -0.39
CL CL AA . -16.71 10.09 2.48
S SO4 BA . 3.97 14.04 67.07
O1 SO4 BA . 3.43 12.81 67.68
O2 SO4 BA . 5.29 14.39 67.61
O3 SO4 BA . 4.12 13.81 65.63
O4 SO4 BA . 3.02 15.13 67.26
S SO4 CA . 16.13 25.47 42.28
O1 SO4 CA . 16.17 24.30 43.17
O2 SO4 CA . 17.50 25.85 41.90
O3 SO4 CA . 15.42 25.11 41.06
O4 SO4 CA . 15.45 26.59 42.95
MG MG DA . 0.54 -15.87 26.36
CL CL EA . 1.27 -18.75 25.05
CL CL FA . -1.87 -16.62 27.36
CL CL GA . -7.76 31.08 44.37
S SO4 HA . -18.30 12.24 12.39
O1 SO4 HA . -17.73 11.00 12.94
O2 SO4 HA . -18.53 13.21 13.46
O3 SO4 HA . -17.48 12.91 11.40
O4 SO4 HA . -19.54 11.86 11.71
S SO4 IA . 13.19 -7.20 -1.81
O1 SO4 IA . 13.46 -8.28 -0.86
O2 SO4 IA . 11.98 -6.49 -1.39
O3 SO4 IA . 13.01 -7.73 -3.17
O4 SO4 IA . 14.31 -6.26 -1.86
S SO4 JA . -10.21 -0.11 14.24
O1 SO4 JA . -10.43 1.03 15.17
O2 SO4 JA . -10.09 -1.34 15.02
O3 SO4 JA . -9.00 0.21 13.47
O4 SO4 JA . -11.31 -0.30 13.28
S SO4 KA . 20.51 -5.88 47.43
O1 SO4 KA . 19.52 -6.99 47.28
O2 SO4 KA . 21.71 -6.35 48.12
O3 SO4 KA . 20.95 -5.36 46.12
O4 SO4 KA . 19.87 -4.81 48.21
MG MG LA . 14.20 -5.58 -4.27
MG MG MA . -4.18 -5.11 22.31
CL CL NA . 14.58 2.77 24.21
CL CL OA . -4.96 17.55 5.55
CL CL PA . -1.50 7.60 5.25
CL CL QA . 6.69 -17.98 9.02
CL CL RA . 15.27 11.51 -6.39
CL CL SA . 0.85 12.24 11.47
CL CL TA . -0.27 0.78 3.62
CL CL UA . 17.53 3.93 -6.16
CL CL VA . 28.12 13.77 22.07
CL CL WA . -3.84 35.64 28.82
#